data_2PQF
#
_entry.id   2PQF
#
_cell.length_a   206.590
_cell.length_b   206.590
_cell.length_c   84.730
_cell.angle_alpha   90.00
_cell.angle_beta   90.00
_cell.angle_gamma   90.00
#
_symmetry.space_group_name_H-M   'I 4'
#
loop_
_entity.id
_entity.type
_entity.pdbx_description
1 polymer 'Poly [ADP-ribose] polymerase 12'
2 non-polymer '3-AMINOBENZOIC ACID'
3 non-polymer 'CITRIC ACID'
4 water water
#
_entity_poly.entity_id   1
_entity_poly.type   'polypeptide(L)'
_entity_poly.pdbx_seq_one_letter_code
;S(MSE)DSSALPDPGFQKITLSSSSEEYQKVWNLFNRTLPFYFVQKIERVQNLALWEVYQWQKGQ(MSE)QKQNGGKAVD
ERQLFHGTSAIFVDAICQQNFDWRVCGVHGTSYGKGSYFARDAAYSHHYSKSDTQTHT(MSE)FLARVLVGEFVRGNASF
VRPPAKEGWSNAFYDSCVNSVSDPSIFVIFEKHQVYPEYVIQYTTSSKPS
;
_entity_poly.pdbx_strand_id   A,B,C,D,E,F
#
# COMPACT_ATOMS: atom_id res chain seq x y z
N ASP A 9 1.12 25.99 -23.49
CA ASP A 9 0.17 26.65 -24.45
C ASP A 9 -0.74 25.58 -25.10
N PRO A 10 -0.19 24.74 -26.01
CA PRO A 10 -0.95 23.53 -26.44
C PRO A 10 -1.17 22.46 -25.34
N GLY A 11 -0.53 22.63 -24.20
CA GLY A 11 -0.69 21.73 -23.06
C GLY A 11 0.21 20.50 -23.12
N PHE A 12 1.19 20.52 -24.02
CA PHE A 12 2.11 19.40 -24.18
C PHE A 12 3.32 19.82 -24.95
N GLN A 13 4.44 19.12 -24.69
CA GLN A 13 5.66 19.23 -25.50
C GLN A 13 6.13 17.83 -25.93
N LYS A 14 6.95 17.83 -26.97
CA LYS A 14 7.65 16.66 -27.45
C LYS A 14 9.12 17.02 -27.48
N ILE A 15 9.93 16.30 -26.71
CA ILE A 15 11.29 16.70 -26.46
C ILE A 15 12.14 15.63 -27.10
N THR A 16 12.88 16.00 -28.14
CA THR A 16 13.76 15.04 -28.80
C THR A 16 14.92 14.63 -27.91
N LEU A 17 15.13 13.32 -27.81
CA LEU A 17 16.20 12.81 -26.97
C LEU A 17 17.49 12.46 -27.74
N SER A 18 18.61 12.78 -27.09
CA SER A 18 19.93 12.31 -27.43
C SER A 18 20.08 10.80 -27.38
N SER A 19 20.69 10.23 -28.41
CA SER A 19 20.91 8.80 -28.49
C SER A 19 22.00 8.30 -27.54
N SER A 20 22.71 9.21 -26.90
CA SER A 20 23.71 8.87 -25.89
C SER A 20 23.14 8.88 -24.49
N SER A 21 21.89 9.32 -24.33
CA SER A 21 21.20 9.32 -23.05
C SER A 21 20.69 7.93 -22.72
N GLU A 22 20.72 7.58 -21.45
CA GLU A 22 20.22 6.29 -20.98
C GLU A 22 18.72 6.14 -21.16
N GLU A 23 17.99 7.25 -21.06
CA GLU A 23 16.54 7.27 -21.33
C GLU A 23 16.25 6.80 -22.76
N TYR A 24 16.95 7.37 -23.73
CA TYR A 24 16.84 6.90 -25.11
C TYR A 24 17.09 5.40 -25.23
N GLN A 25 18.19 4.95 -24.65
CA GLN A 25 18.62 3.57 -24.77
C GLN A 25 17.62 2.59 -24.21
N LYS A 26 16.95 2.97 -23.11
CA LYS A 26 15.89 2.14 -22.54
C LYS A 26 14.73 1.94 -23.51
N VAL A 27 14.31 3.03 -24.14
CA VAL A 27 13.21 2.96 -25.13
C VAL A 27 13.68 2.13 -26.33
N TRP A 28 14.84 2.46 -26.85
CA TRP A 28 15.44 1.76 -27.99
C TRP A 28 15.61 0.26 -27.72
N ASN A 29 16.13 -0.09 -26.54
CA ASN A 29 16.26 -1.49 -26.18
C ASN A 29 14.97 -2.28 -26.29
N LEU A 30 13.87 -1.70 -25.81
CA LEU A 30 12.55 -2.36 -25.90
C LEU A 30 12.02 -2.55 -27.34
N PHE A 31 12.18 -1.51 -28.17
CA PHE A 31 11.85 -1.56 -29.61
C PHE A 31 12.67 -2.66 -30.30
N ASN A 32 13.98 -2.56 -30.11
CA ASN A 32 14.98 -3.43 -30.72
C ASN A 32 14.82 -4.89 -30.34
N ARG A 33 14.28 -5.14 -29.14
CA ARG A 33 13.93 -6.48 -28.69
C ARG A 33 13.23 -7.29 -29.77
N THR A 34 12.29 -6.69 -30.49
CA THR A 34 11.60 -7.44 -31.58
C THR A 34 11.64 -6.81 -33.01
N LEU A 35 12.19 -5.60 -33.16
CA LEU A 35 12.50 -5.03 -34.48
C LEU A 35 13.98 -4.66 -34.55
N PRO A 36 14.85 -5.66 -34.43
CA PRO A 36 16.26 -5.37 -34.37
C PRO A 36 16.92 -5.01 -35.73
N PHE A 37 16.16 -5.11 -36.80
CA PHE A 37 16.69 -4.92 -38.13
C PHE A 37 16.22 -3.61 -38.73
N TYR A 38 15.53 -2.82 -37.92
CA TYR A 38 15.03 -1.53 -38.31
C TYR A 38 15.89 -0.45 -37.71
N PHE A 39 15.65 0.80 -38.11
CA PHE A 39 16.57 1.87 -37.74
C PHE A 39 15.79 3.00 -37.10
N VAL A 40 15.99 3.16 -35.81
CA VAL A 40 15.36 4.24 -35.08
C VAL A 40 16.00 5.55 -35.52
N GLN A 41 15.20 6.52 -35.91
N GLN A 41 15.15 6.48 -35.96
CA GLN A 41 15.73 7.79 -36.40
CA GLN A 41 15.55 7.79 -36.48
C GLN A 41 15.50 8.93 -35.41
C GLN A 41 15.53 8.86 -35.39
N LYS A 42 14.49 8.80 -34.55
CA LYS A 42 14.24 9.79 -33.50
C LYS A 42 13.39 9.18 -32.38
N ILE A 43 13.58 9.70 -31.17
CA ILE A 43 12.70 9.36 -30.02
C ILE A 43 12.45 10.66 -29.29
N GLU A 44 11.16 10.94 -29.08
CA GLU A 44 10.70 12.14 -28.37
C GLU A 44 9.90 11.73 -27.14
N ARG A 45 10.25 12.32 -26.01
CA ARG A 45 9.49 12.19 -24.78
C ARG A 45 8.27 13.05 -24.83
N VAL A 46 7.10 12.43 -24.63
CA VAL A 46 5.84 13.15 -24.58
C VAL A 46 5.72 13.72 -23.15
N GLN A 47 5.47 15.03 -23.09
CA GLN A 47 5.29 15.76 -21.86
C GLN A 47 3.95 16.37 -21.84
N ASN A 48 3.00 15.75 -21.13
CA ASN A 48 1.66 16.27 -20.91
C ASN A 48 1.27 16.05 -19.42
N LEU A 49 1.38 17.12 -18.65
CA LEU A 49 1.11 17.06 -17.22
C LEU A 49 -0.28 16.66 -16.86
N ALA A 50 -1.26 17.15 -17.59
CA ALA A 50 -2.65 16.82 -17.29
C ALA A 50 -2.97 15.33 -17.51
N LEU A 51 -2.45 14.74 -18.59
CA LEU A 51 -2.65 13.31 -18.87
C LEU A 51 -1.90 12.45 -17.84
N TRP A 52 -0.71 12.89 -17.45
CA TRP A 52 0.10 12.24 -16.39
C TRP A 52 -0.59 12.21 -14.99
N GLU A 53 -1.12 13.37 -14.59
CA GLU A 53 -1.81 13.57 -13.31
C GLU A 53 -3.03 12.69 -13.22
N VAL A 54 -3.83 12.64 -14.27
CA VAL A 54 -4.99 11.77 -14.25
C VAL A 54 -4.63 10.27 -14.24
N TYR A 55 -3.59 9.90 -14.98
CA TYR A 55 -3.07 8.56 -15.01
C TYR A 55 -2.55 8.14 -13.60
N GLN A 56 -1.80 9.03 -12.97
CA GLN A 56 -1.26 8.78 -11.64
C GLN A 56 -2.37 8.70 -10.60
N TRP A 57 -3.41 9.51 -10.79
CA TRP A 57 -4.57 9.44 -9.94
C TRP A 57 -5.32 8.10 -10.11
N GLN A 58 -5.47 7.63 -11.36
CA GLN A 58 -6.08 6.33 -11.60
C GLN A 58 -5.31 5.13 -11.00
N LYS A 59 -3.99 5.15 -11.12
CA LYS A 59 -3.12 4.15 -10.54
C LYS A 59 -3.33 4.12 -9.00
N GLY A 60 -3.34 5.30 -8.39
CA GLY A 60 -3.68 5.44 -6.97
C GLY A 60 -5.01 4.83 -6.61
N GLN A 61 -6.03 5.07 -7.42
CA GLN A 61 -7.34 4.48 -7.15
C GLN A 61 -7.36 2.97 -7.29
N GLN A 63 -4.80 1.00 -6.86
CA GLN A 63 -4.04 0.46 -5.71
C GLN A 63 -4.92 0.28 -4.44
N LYS A 64 -5.85 1.20 -4.24
CA LYS A 64 -6.78 1.17 -3.09
C LYS A 64 -7.82 0.08 -3.13
N GLN A 65 -8.16 -0.41 -4.31
CA GLN A 65 -9.19 -1.43 -4.50
C GLN A 65 -8.59 -2.78 -4.86
N ASN A 66 -7.30 -2.93 -4.69
CA ASN A 66 -6.53 -4.03 -5.27
C ASN A 66 -6.34 -5.24 -4.33
N GLY A 67 -6.82 -5.14 -3.09
CA GLY A 67 -6.55 -6.16 -2.06
C GLY A 67 -5.08 -6.30 -1.69
N GLY A 68 -4.33 -5.19 -1.74
CA GLY A 68 -2.89 -5.18 -1.42
C GLY A 68 -1.92 -5.60 -2.52
N LYS A 69 -2.42 -5.99 -3.69
CA LYS A 69 -1.54 -6.34 -4.83
C LYS A 69 -0.93 -5.12 -5.52
N ALA A 70 0.23 -5.27 -6.13
CA ALA A 70 0.78 -4.21 -6.98
C ALA A 70 -0.14 -4.06 -8.20
N VAL A 71 -0.34 -2.85 -8.69
CA VAL A 71 -1.07 -2.65 -9.97
C VAL A 71 -0.16 -3.05 -11.16
N ASP A 72 -0.64 -3.98 -11.97
CA ASP A 72 0.09 -4.41 -13.15
C ASP A 72 0.17 -3.21 -14.16
N GLU A 73 1.38 -2.77 -14.44
CA GLU A 73 1.67 -1.56 -15.17
C GLU A 73 2.74 -1.94 -16.18
N ARG A 74 2.46 -1.74 -17.48
CA ARG A 74 3.40 -2.17 -18.53
C ARG A 74 3.73 -1.07 -19.56
N GLN A 75 4.89 -1.15 -20.16
CA GLN A 75 5.23 -0.24 -21.28
C GLN A 75 4.90 -1.03 -22.53
N LEU A 76 3.81 -0.61 -23.19
CA LEU A 76 3.30 -1.30 -24.37
C LEU A 76 3.33 -0.39 -25.62
N PHE A 77 3.35 -1.01 -26.82
CA PHE A 77 3.46 -0.24 -28.10
C PHE A 77 2.12 0.06 -28.75
N HIS A 78 2.07 1.19 -29.42
CA HIS A 78 0.90 1.53 -30.26
C HIS A 78 1.28 2.17 -31.62
N GLY A 79 1.14 1.38 -32.68
CA GLY A 79 1.34 1.86 -34.06
C GLY A 79 0.19 2.70 -34.55
N THR A 80 0.52 3.89 -35.06
CA THR A 80 -0.46 4.82 -35.63
C THR A 80 0.21 5.61 -36.76
N SER A 81 -0.59 6.33 -37.54
CA SER A 81 -0.11 7.20 -38.65
C SER A 81 0.33 8.51 -38.04
N ALA A 82 1.26 9.18 -38.72
CA ALA A 82 1.90 10.40 -38.25
C ALA A 82 0.93 11.52 -38.05
N ILE A 83 -0.16 11.45 -38.81
CA ILE A 83 -1.25 12.43 -38.75
C ILE A 83 -1.89 12.53 -37.35
N PHE A 84 -1.85 11.43 -36.59
CA PHE A 84 -2.50 11.41 -35.27
C PHE A 84 -1.60 11.73 -34.10
N VAL A 85 -0.33 12.02 -34.35
CA VAL A 85 0.65 12.07 -33.28
C VAL A 85 0.33 13.18 -32.29
N ASP A 86 0.06 14.38 -32.79
CA ASP A 86 -0.15 15.51 -31.90
C ASP A 86 -1.49 15.44 -31.17
N ALA A 87 -2.50 14.88 -31.86
CA ALA A 87 -3.79 14.60 -31.26
C ALA A 87 -3.64 13.65 -30.03
N ILE A 88 -2.83 12.60 -30.17
CA ILE A 88 -2.63 11.62 -29.10
C ILE A 88 -1.88 12.29 -27.92
N CYS A 89 -0.90 13.12 -28.23
CA CYS A 89 -0.09 13.77 -27.23
C CYS A 89 -0.87 14.77 -26.37
N GLN A 90 -1.93 15.32 -26.95
CA GLN A 90 -2.79 16.27 -26.31
C GLN A 90 -3.99 15.61 -25.61
N GLN A 91 -4.67 14.68 -26.27
CA GLN A 91 -5.97 14.17 -25.79
C GLN A 91 -5.94 12.69 -25.44
N ASN A 92 -4.80 12.04 -25.59
CA ASN A 92 -4.65 10.60 -25.37
C ASN A 92 -5.25 9.85 -26.57
N PHE A 93 -4.93 8.57 -26.62
CA PHE A 93 -5.49 7.66 -27.60
C PHE A 93 -6.96 7.64 -27.49
N ASP A 94 -7.63 7.61 -28.64
CA ASP A 94 -9.09 7.56 -28.74
C ASP A 94 -9.48 6.59 -29.85
N TRP A 95 -10.12 5.48 -29.50
CA TRP A 95 -10.49 4.43 -30.47
C TRP A 95 -11.70 4.78 -31.39
N ARG A 96 -12.41 5.86 -31.10
CA ARG A 96 -13.57 6.25 -31.85
C ARG A 96 -13.24 7.16 -33.02
N VAL A 97 -11.97 7.50 -33.24
CA VAL A 97 -11.57 8.40 -34.32
C VAL A 97 -11.95 7.75 -35.63
N CYS A 98 -11.40 6.57 -35.88
CA CYS A 98 -11.78 5.69 -36.97
C CYS A 98 -12.78 4.62 -36.55
N GLY A 99 -12.76 4.24 -35.27
CA GLY A 99 -13.62 3.15 -34.81
C GLY A 99 -12.86 1.85 -34.88
N VAL A 100 -13.56 0.79 -34.49
CA VAL A 100 -12.98 -0.55 -34.36
C VAL A 100 -13.94 -1.44 -35.16
N HIS A 101 -13.37 -2.36 -35.90
CA HIS A 101 -14.15 -3.37 -36.62
C HIS A 101 -13.18 -4.44 -37.15
N GLY A 102 -13.71 -5.66 -37.32
CA GLY A 102 -12.91 -6.80 -37.75
C GLY A 102 -12.66 -7.70 -36.54
N THR A 103 -11.39 -8.08 -36.33
CA THR A 103 -11.03 -8.95 -35.21
C THR A 103 -10.86 -8.11 -33.94
N SER A 104 -11.93 -8.05 -33.16
CA SER A 104 -11.94 -7.31 -31.92
C SER A 104 -11.65 -8.23 -30.74
N TYR A 105 -11.00 -7.65 -29.74
CA TYR A 105 -11.02 -8.14 -28.38
C TYR A 105 -11.79 -7.12 -27.54
N GLY A 106 -12.49 -6.20 -28.24
CA GLY A 106 -13.31 -5.18 -27.63
C GLY A 106 -13.14 -3.83 -28.30
N LYS A 107 -14.16 -3.00 -28.15
CA LYS A 107 -14.13 -1.61 -28.57
C LYS A 107 -13.38 -0.74 -27.56
N GLY A 108 -12.06 -0.75 -27.69
CA GLY A 108 -11.17 0.12 -26.93
C GLY A 108 -9.89 0.29 -27.72
N SER A 109 -8.93 1.01 -27.14
CA SER A 109 -7.62 1.19 -27.73
C SER A 109 -6.72 -0.02 -27.52
N TYR A 110 -5.85 -0.32 -28.51
CA TYR A 110 -5.05 -1.56 -28.56
C TYR A 110 -3.59 -1.30 -28.33
N PHE A 111 -2.93 -2.22 -27.64
CA PHE A 111 -1.50 -2.04 -27.31
C PHE A 111 -0.86 -3.37 -27.40
N ALA A 112 0.40 -3.40 -27.81
CA ALA A 112 1.10 -4.63 -28.07
C ALA A 112 2.27 -4.71 -27.15
N ARG A 113 2.54 -5.91 -26.65
CA ARG A 113 3.80 -6.18 -25.99
C ARG A 113 5.04 -5.93 -26.87
N ASP A 114 4.99 -6.49 -28.08
CA ASP A 114 6.09 -6.42 -29.05
C ASP A 114 5.88 -5.32 -30.08
N ALA A 115 6.86 -4.42 -30.18
CA ALA A 115 7.00 -3.42 -31.26
C ALA A 115 6.73 -4.01 -32.61
N ALA A 116 7.32 -5.18 -32.86
CA ALA A 116 7.10 -5.91 -34.08
C ALA A 116 5.63 -6.10 -34.49
N TYR A 117 4.71 -6.31 -33.52
CA TYR A 117 3.26 -6.41 -33.81
C TYR A 117 2.62 -5.06 -34.19
N SER A 118 3.08 -3.99 -33.54
CA SER A 118 2.61 -2.65 -33.83
C SER A 118 3.08 -2.05 -35.20
N HIS A 119 4.19 -2.54 -35.73
CA HIS A 119 4.65 -2.18 -37.08
C HIS A 119 3.50 -2.15 -38.10
N HIS A 120 2.76 -3.24 -38.19
CA HIS A 120 1.65 -3.30 -39.12
C HIS A 120 0.65 -2.14 -39.02
N TYR A 121 0.48 -1.52 -37.84
CA TYR A 121 -0.47 -0.41 -37.65
C TYR A 121 0.17 0.96 -37.80
N SER A 122 1.49 1.00 -37.96
CA SER A 122 2.24 2.22 -38.26
C SER A 122 2.23 2.52 -39.78
N LYS A 123 1.09 2.99 -40.27
CA LYS A 123 0.95 3.33 -41.69
C LYS A 123 1.86 4.48 -42.07
N SER A 124 2.50 4.32 -43.23
CA SER A 124 3.22 5.42 -43.89
C SER A 124 3.17 5.26 -45.43
N ASP A 125 3.26 6.39 -46.14
CA ASP A 125 3.57 6.40 -47.61
C ASP A 125 5.06 6.40 -47.85
N THR A 126 5.80 6.63 -46.78
CA THR A 126 7.19 6.99 -46.80
C THR A 126 7.95 5.84 -46.18
N GLN A 127 9.25 6.02 -46.10
CA GLN A 127 10.09 5.08 -45.38
C GLN A 127 10.03 5.28 -43.86
N THR A 128 9.52 6.42 -43.40
CA THR A 128 9.51 6.72 -41.98
C THR A 128 8.18 6.30 -41.37
N HIS A 129 8.25 5.36 -40.43
CA HIS A 129 7.09 4.91 -39.68
C HIS A 129 7.12 5.53 -38.30
N THR A 130 5.95 5.64 -37.69
CA THR A 130 5.81 6.19 -36.36
C THR A 130 4.99 5.24 -35.47
N PHE A 132 4.11 4.78 -30.94
CA PHE A 132 4.19 5.25 -29.55
C PHE A 132 4.69 4.12 -28.63
N LEU A 133 5.50 4.46 -27.61
CA LEU A 133 5.56 3.62 -26.38
C LEU A 133 4.65 4.25 -25.35
N ALA A 134 3.71 3.47 -24.82
CA ALA A 134 2.78 3.97 -23.81
C ALA A 134 2.95 3.26 -22.45
N ARG A 135 2.67 4.00 -21.40
CA ARG A 135 2.55 3.46 -20.03
C ARG A 135 1.08 3.06 -19.83
N VAL A 136 0.85 1.79 -19.59
CA VAL A 136 -0.49 1.28 -19.52
C VAL A 136 -0.75 0.56 -18.15
N LEU A 137 -1.81 0.99 -17.45
CA LEU A 137 -2.25 0.34 -16.24
C LEU A 137 -3.18 -0.78 -16.65
N VAL A 138 -2.61 -1.95 -16.95
CA VAL A 138 -3.41 -3.08 -17.40
C VAL A 138 -4.17 -3.78 -16.25
N GLY A 139 -3.65 -3.68 -15.02
CA GLY A 139 -4.30 -4.29 -13.84
C GLY A 139 -4.64 -5.75 -14.05
N GLU A 140 -5.87 -6.13 -13.75
CA GLU A 140 -6.26 -7.52 -13.81
C GLU A 140 -7.01 -7.71 -15.10
N PHE A 141 -6.63 -8.74 -15.84
CA PHE A 141 -7.15 -8.89 -17.20
C PHE A 141 -7.81 -10.23 -17.40
N VAL A 142 -8.72 -10.26 -18.37
CA VAL A 142 -9.47 -11.43 -18.74
C VAL A 142 -9.44 -11.41 -20.28
N ARG A 143 -9.75 -12.53 -20.91
CA ARG A 143 -9.75 -12.58 -22.37
C ARG A 143 -10.85 -11.69 -22.95
N GLY A 144 -10.53 -10.92 -23.99
CA GLY A 144 -11.50 -10.06 -24.67
C GLY A 144 -12.50 -10.77 -25.59
N ASN A 145 -13.36 -9.99 -26.22
CA ASN A 145 -14.38 -10.50 -27.13
C ASN A 145 -14.89 -9.30 -27.93
N ALA A 146 -15.32 -9.54 -29.17
CA ALA A 146 -15.72 -8.47 -30.07
C ALA A 146 -16.84 -7.56 -29.56
N SER A 147 -17.78 -8.12 -28.82
CA SER A 147 -18.93 -7.35 -28.32
C SER A 147 -18.65 -6.48 -27.08
N PHE A 148 -17.48 -6.64 -26.44
CA PHE A 148 -17.16 -5.87 -25.22
C PHE A 148 -16.94 -4.37 -25.46
N VAL A 149 -17.72 -3.55 -24.76
CA VAL A 149 -17.54 -2.11 -24.66
C VAL A 149 -16.90 -1.71 -23.32
N ARG A 150 -16.79 -2.67 -22.40
CA ARG A 150 -16.15 -2.53 -21.10
C ARG A 150 -15.55 -3.87 -20.78
N PRO A 151 -14.61 -3.93 -19.81
CA PRO A 151 -14.23 -5.24 -19.31
C PRO A 151 -15.36 -5.87 -18.50
N PRO A 152 -15.51 -7.21 -18.60
CA PRO A 152 -16.60 -7.90 -17.90
C PRO A 152 -16.40 -7.94 -16.41
N ALA A 153 -17.44 -8.39 -15.69
CA ALA A 153 -17.38 -8.51 -14.23
C ALA A 153 -16.46 -9.67 -13.92
N LYS A 154 -15.81 -9.63 -12.74
CA LYS A 154 -14.98 -10.75 -12.30
C LYS A 154 -15.98 -11.85 -11.93
N GLU A 155 -15.51 -13.04 -11.59
CA GLU A 155 -16.49 -14.08 -11.23
C GLU A 155 -16.92 -13.95 -9.77
N GLY A 156 -18.21 -13.61 -9.58
CA GLY A 156 -18.79 -13.35 -8.25
C GLY A 156 -18.91 -11.85 -7.91
N TRP A 157 -18.42 -11.49 -6.71
CA TRP A 157 -18.22 -10.09 -6.20
C TRP A 157 -19.40 -9.13 -6.45
N ALA A 160 -17.26 -6.14 -8.69
CA ALA A 160 -15.89 -5.93 -9.18
C ALA A 160 -15.71 -6.25 -10.66
N PHE A 161 -14.87 -5.45 -11.34
CA PHE A 161 -14.57 -5.67 -12.78
C PHE A 161 -13.08 -5.80 -13.07
N TYR A 162 -12.79 -6.56 -14.11
CA TYR A 162 -11.47 -6.55 -14.73
C TYR A 162 -11.09 -5.15 -15.22
N ASP A 163 -9.80 -4.92 -15.34
CA ASP A 163 -9.32 -3.58 -15.69
C ASP A 163 -8.98 -3.45 -17.18
N SER A 164 -8.91 -4.60 -17.86
CA SER A 164 -8.48 -4.66 -19.25
C SER A 164 -8.77 -6.05 -19.80
N CYS A 165 -8.68 -6.17 -21.13
CA CYS A 165 -8.85 -7.44 -21.81
C CYS A 165 -7.61 -7.77 -22.65
N VAL A 166 -7.38 -9.06 -22.87
CA VAL A 166 -6.18 -9.55 -23.54
C VAL A 166 -6.55 -10.60 -24.57
N ASN A 167 -5.56 -11.05 -25.32
CA ASN A 167 -5.72 -12.16 -26.26
C ASN A 167 -5.49 -13.52 -25.58
N SER A 168 -4.87 -13.50 -24.38
CA SER A 168 -4.38 -14.70 -23.70
C SER A 168 -4.03 -14.35 -22.24
N VAL A 169 -4.67 -15.00 -21.27
CA VAL A 169 -4.38 -14.72 -19.86
C VAL A 169 -3.00 -15.27 -19.50
N SER A 170 -2.65 -16.44 -20.01
CA SER A 170 -1.38 -17.08 -19.71
C SER A 170 -0.15 -16.43 -20.36
N ASP A 171 -0.33 -15.80 -21.51
CA ASP A 171 0.77 -15.14 -22.21
C ASP A 171 0.22 -13.98 -23.03
N PRO A 172 -0.15 -12.86 -22.36
CA PRO A 172 -0.82 -11.78 -23.07
C PRO A 172 0.16 -10.98 -23.93
N SER A 173 -0.22 -10.72 -25.17
CA SER A 173 0.60 -9.87 -26.05
C SER A 173 -0.17 -8.75 -26.69
N ILE A 174 -1.48 -8.78 -26.58
CA ILE A 174 -2.34 -7.72 -27.02
C ILE A 174 -3.27 -7.33 -25.85
N PHE A 175 -3.30 -6.04 -25.52
CA PHE A 175 -4.19 -5.49 -24.50
C PHE A 175 -5.14 -4.45 -25.07
N VAL A 176 -6.42 -4.51 -24.65
CA VAL A 176 -7.44 -3.53 -24.95
C VAL A 176 -7.81 -2.77 -23.67
N ILE A 177 -7.78 -1.43 -23.74
CA ILE A 177 -8.12 -0.53 -22.62
C ILE A 177 -9.35 0.27 -23.02
N PHE A 178 -10.33 0.34 -22.12
CA PHE A 178 -11.60 1.01 -22.33
C PHE A 178 -11.68 2.33 -21.62
N GLU A 179 -10.62 2.69 -20.90
CA GLU A 179 -10.62 3.85 -20.04
C GLU A 179 -9.35 4.58 -20.28
N LYS A 180 -9.44 5.76 -20.88
CA LYS A 180 -8.23 6.49 -21.25
C LYS A 180 -7.31 6.86 -20.05
N HIS A 181 -7.87 7.06 -18.86
CA HIS A 181 -7.06 7.32 -17.65
C HIS A 181 -6.08 6.19 -17.29
N GLN A 182 -6.30 4.99 -17.78
CA GLN A 182 -5.32 3.91 -17.67
C GLN A 182 -4.12 3.93 -18.64
N VAL A 183 -3.97 5.01 -19.44
CA VAL A 183 -2.84 5.13 -20.42
C VAL A 183 -2.17 6.48 -20.43
N TYR A 184 -0.86 6.47 -20.45
CA TYR A 184 -0.10 7.67 -20.65
C TYR A 184 0.81 7.49 -21.89
N PRO A 185 0.62 8.32 -22.90
CA PRO A 185 1.49 8.27 -24.10
C PRO A 185 2.86 8.78 -23.74
N GLU A 186 3.86 7.91 -23.83
CA GLU A 186 5.14 8.17 -23.25
C GLU A 186 6.23 8.65 -24.22
N TYR A 187 6.37 7.95 -25.34
CA TYR A 187 7.41 8.22 -26.31
C TYR A 187 6.85 8.07 -27.72
N VAL A 188 7.22 9.00 -28.59
CA VAL A 188 7.06 8.84 -30.05
C VAL A 188 8.37 8.36 -30.68
N ILE A 189 8.27 7.16 -31.26
CA ILE A 189 9.39 6.51 -31.91
C ILE A 189 9.21 6.58 -33.47
N GLN A 190 10.13 7.27 -34.13
CA GLN A 190 10.21 7.31 -35.62
C GLN A 190 11.31 6.40 -36.10
N TYR A 191 10.95 5.48 -36.96
CA TYR A 191 11.93 4.55 -37.49
C TYR A 191 11.80 4.31 -39.00
N THR A 192 12.87 3.75 -39.54
CA THR A 192 12.91 3.40 -40.95
C THR A 192 13.13 1.89 -41.17
N THR A 193 12.56 1.34 -42.24
CA THR A 193 12.78 -0.07 -42.58
C THR A 193 13.95 -0.31 -43.54
N SER A 194 14.69 0.74 -43.91
CA SER A 194 15.72 0.64 -44.95
C SER A 194 17.17 0.77 -44.48
N SER A 195 17.56 1.94 -43.99
CA SER A 195 18.96 2.39 -44.19
C SER A 195 19.71 2.63 -42.88
N ASP B 9 27.98 -25.93 11.73
CA ASP B 9 26.99 -24.89 12.11
C ASP B 9 25.57 -25.48 12.14
N PRO B 10 24.66 -24.87 12.95
CA PRO B 10 23.23 -25.13 12.80
C PRO B 10 22.58 -24.47 11.56
N GLY B 11 23.36 -23.74 10.75
CA GLY B 11 22.88 -23.25 9.46
C GLY B 11 22.02 -22.01 9.50
N PHE B 12 21.85 -21.42 10.68
CA PHE B 12 21.17 -20.13 10.80
C PHE B 12 21.78 -19.27 11.90
N GLN B 13 21.45 -17.99 11.88
CA GLN B 13 21.76 -17.06 12.97
C GLN B 13 20.55 -16.20 13.23
N LYS B 14 20.51 -15.61 14.43
CA LYS B 14 19.53 -14.61 14.82
C LYS B 14 20.30 -13.39 15.30
N ILE B 15 20.08 -12.25 14.66
CA ILE B 15 20.86 -11.04 14.92
C ILE B 15 19.90 -10.04 15.54
N THR B 16 20.16 -9.73 16.81
CA THR B 16 19.39 -8.78 17.56
C THR B 16 19.60 -7.42 16.92
N LEU B 17 18.51 -6.76 16.51
CA LEU B 17 18.63 -5.45 15.88
C LEU B 17 18.53 -4.35 16.92
N SER B 18 19.22 -3.24 16.69
CA SER B 18 19.09 -2.05 17.52
C SER B 18 17.75 -1.37 17.33
N SER B 19 17.19 -0.83 18.43
CA SER B 19 15.86 -0.22 18.43
C SER B 19 15.80 1.11 17.67
N SER B 20 16.96 1.75 17.51
CA SER B 20 17.05 3.00 16.76
C SER B 20 17.32 2.79 15.25
N SER B 21 17.57 1.55 14.84
CA SER B 21 17.78 1.23 13.42
C SER B 21 16.48 1.28 12.64
N GLU B 22 16.59 1.70 11.39
CA GLU B 22 15.46 1.81 10.47
C GLU B 22 14.86 0.44 10.15
N GLU B 23 15.72 -0.56 10.01
CA GLU B 23 15.28 -1.95 9.85
C GLU B 23 14.39 -2.46 10.98
N TYR B 24 14.80 -2.18 12.22
CA TYR B 24 13.98 -2.46 13.39
C TYR B 24 12.65 -1.70 13.31
N GLN B 25 12.72 -0.39 13.03
CA GLN B 25 11.51 0.47 12.97
C GLN B 25 10.47 -0.01 11.93
N LYS B 26 10.92 -0.51 10.78
CA LYS B 26 10.02 -1.06 9.77
C LYS B 26 9.19 -2.23 10.31
N VAL B 27 9.89 -3.22 10.85
CA VAL B 27 9.20 -4.35 11.44
C VAL B 27 8.29 -3.86 12.58
N TRP B 28 8.79 -2.91 13.36
CA TRP B 28 8.08 -2.38 14.54
C TRP B 28 6.80 -1.66 14.13
N ASN B 29 6.91 -0.84 13.09
CA ASN B 29 5.73 -0.21 12.49
C ASN B 29 4.68 -1.19 12.00
N LEU B 30 5.07 -2.28 11.35
CA LEU B 30 4.08 -3.26 10.92
C LEU B 30 3.35 -3.89 12.11
N PHE B 31 4.15 -4.25 13.12
CA PHE B 31 3.60 -4.86 14.37
C PHE B 31 2.58 -3.95 15.05
N ASN B 32 3.01 -2.71 15.26
CA ASN B 32 2.28 -1.64 15.93
C ASN B 32 0.96 -1.18 15.26
N ARG B 33 0.84 -1.30 13.93
CA ARG B 33 -0.42 -1.02 13.22
C ARG B 33 -1.58 -1.73 13.92
N THR B 34 -1.36 -2.98 14.28
CA THR B 34 -2.37 -3.81 14.94
C THR B 34 -2.28 -3.94 16.50
N LEU B 35 -1.09 -3.77 17.06
CA LEU B 35 -0.82 -4.00 18.47
C LEU B 35 -0.02 -2.84 19.04
N PRO B 36 -0.57 -1.61 18.94
CA PRO B 36 0.15 -0.42 19.39
C PRO B 36 0.36 -0.33 20.91
N PHE B 37 -0.32 -1.17 21.69
CA PHE B 37 -0.37 -1.09 23.16
C PHE B 37 0.42 -2.20 23.83
N TYR B 38 1.12 -2.99 23.03
CA TYR B 38 2.06 -3.94 23.53
C TYR B 38 3.43 -3.35 23.38
N PHE B 39 4.40 -3.93 24.07
CA PHE B 39 5.76 -3.39 24.11
C PHE B 39 6.70 -4.44 23.61
N VAL B 40 7.46 -4.05 22.59
CA VAL B 40 8.37 -4.94 21.91
C VAL B 40 9.70 -4.90 22.62
N GLN B 41 10.14 -6.07 23.07
CA GLN B 41 11.37 -6.21 23.84
C GLN B 41 12.56 -6.49 22.95
N LYS B 42 12.34 -7.18 21.82
CA LYS B 42 13.45 -7.59 20.95
C LYS B 42 12.94 -7.88 19.55
N ILE B 43 13.73 -7.47 18.58
CA ILE B 43 13.55 -7.89 17.18
C ILE B 43 14.87 -8.46 16.73
N GLU B 44 14.82 -9.71 16.23
CA GLU B 44 15.96 -10.41 15.67
C GLU B 44 15.80 -10.67 14.16
N ARG B 45 16.85 -10.38 13.40
CA ARG B 45 16.88 -10.79 12.00
C ARG B 45 17.32 -12.24 11.83
N VAL B 46 16.48 -13.04 11.17
CA VAL B 46 16.81 -14.43 10.88
C VAL B 46 17.63 -14.52 9.58
N GLN B 47 18.76 -15.23 9.70
CA GLN B 47 19.71 -15.45 8.62
C GLN B 47 19.86 -16.92 8.41
N ASN B 48 19.19 -17.45 7.37
CA ASN B 48 19.39 -18.82 6.94
C ASN B 48 19.50 -18.78 5.42
N LEU B 49 20.73 -18.95 4.96
CA LEU B 49 21.03 -18.84 3.54
C LEU B 49 20.37 -19.99 2.74
N ALA B 50 20.37 -21.21 3.25
CA ALA B 50 19.69 -22.31 2.54
C ALA B 50 18.25 -22.01 2.33
N LEU B 51 17.55 -21.54 3.37
CA LEU B 51 16.12 -21.23 3.22
C LEU B 51 15.91 -20.02 2.32
N TRP B 52 16.84 -19.07 2.36
CA TRP B 52 16.78 -17.86 1.57
C TRP B 52 16.93 -18.20 0.06
N GLU B 53 17.96 -18.99 -0.27
CA GLU B 53 18.20 -19.44 -1.63
C GLU B 53 17.07 -20.19 -2.27
N VAL B 54 16.45 -21.11 -1.54
CA VAL B 54 15.34 -21.87 -2.12
C VAL B 54 14.09 -21.01 -2.32
N TYR B 55 13.89 -20.07 -1.40
CA TYR B 55 12.84 -19.07 -1.54
C TYR B 55 13.03 -18.20 -2.81
N GLN B 56 14.24 -17.70 -3.00
CA GLN B 56 14.55 -16.85 -4.13
C GLN B 56 14.41 -17.65 -5.42
N TRP B 57 14.82 -18.90 -5.39
CA TRP B 57 14.61 -19.79 -6.53
C TRP B 57 13.12 -19.95 -6.84
N GLN B 58 12.30 -20.18 -5.82
CA GLN B 58 10.86 -20.34 -6.01
C GLN B 58 10.19 -19.10 -6.64
N LYS B 59 10.57 -17.91 -6.19
CA LYS B 59 10.11 -16.66 -6.68
C LYS B 59 10.39 -16.53 -8.20
N GLY B 60 11.61 -16.90 -8.62
CA GLY B 60 12.03 -16.90 -10.04
C GLY B 60 11.20 -17.83 -10.88
N GLN B 61 10.98 -19.05 -10.40
CA GLN B 61 10.09 -19.97 -11.09
C GLN B 61 8.69 -19.41 -11.25
N GLN B 63 7.81 -16.23 -11.31
CA GLN B 63 7.89 -15.08 -12.21
C GLN B 63 7.78 -15.57 -13.67
N LYS B 64 8.47 -16.67 -13.96
CA LYS B 64 8.52 -17.25 -15.29
C LYS B 64 7.19 -17.77 -15.80
N GLN B 65 6.26 -18.09 -14.90
CA GLN B 65 4.95 -18.62 -15.29
C GLN B 65 3.81 -17.67 -14.94
N ASN B 66 4.13 -16.42 -14.69
CA ASN B 66 3.17 -15.47 -14.20
C ASN B 66 2.56 -14.60 -15.29
N GLY B 67 2.93 -14.85 -16.54
CA GLY B 67 2.43 -14.03 -17.65
C GLY B 67 2.83 -12.58 -17.60
N GLY B 68 4.03 -12.31 -17.07
CA GLY B 68 4.61 -10.97 -16.98
C GLY B 68 4.17 -10.09 -15.83
N LYS B 69 3.42 -10.64 -14.88
CA LYS B 69 3.03 -9.94 -13.65
C LYS B 69 4.13 -10.09 -12.62
N ALA B 70 4.34 -9.04 -11.84
CA ALA B 70 5.07 -9.13 -10.56
C ALA B 70 4.40 -10.21 -9.70
N VAL B 71 5.19 -11.05 -9.05
CA VAL B 71 4.62 -12.04 -8.07
C VAL B 71 4.25 -11.31 -6.74
N ASP B 72 3.01 -11.46 -6.30
CA ASP B 72 2.52 -10.89 -5.06
C ASP B 72 3.31 -11.53 -3.85
N GLU B 73 4.04 -10.68 -3.15
CA GLU B 73 5.02 -11.09 -2.14
C GLU B 73 4.72 -10.19 -0.96
N ARG B 74 4.41 -10.77 0.20
CA ARG B 74 3.99 -9.97 1.38
C ARG B 74 4.72 -10.29 2.70
N GLN B 75 4.65 -9.33 3.63
CA GLN B 75 5.19 -9.49 4.98
C GLN B 75 4.00 -9.71 5.85
N LEU B 76 3.96 -10.97 6.31
CA LEU B 76 2.85 -11.50 7.05
C LEU B 76 3.35 -12.07 8.41
N PHE B 77 2.43 -12.07 9.37
CA PHE B 77 2.74 -12.49 10.74
C PHE B 77 2.46 -13.94 10.97
N HIS B 78 3.30 -14.55 11.80
CA HIS B 78 3.01 -15.87 12.28
C HIS B 78 3.32 -16.05 13.80
N GLY B 79 2.24 -16.17 14.58
CA GLY B 79 2.39 -16.40 16.04
C GLY B 79 2.65 -17.85 16.34
N THR B 80 3.65 -18.08 17.15
CA THR B 80 3.98 -19.43 17.58
C THR B 80 4.42 -19.43 19.05
N SER B 81 4.58 -20.61 19.64
CA SER B 81 5.16 -20.66 20.99
C SER B 81 6.69 -20.73 20.84
N ALA B 82 7.37 -20.14 21.83
CA ALA B 82 8.81 -19.91 21.88
C ALA B 82 9.67 -21.13 21.71
N ILE B 83 9.14 -22.33 22.04
CA ILE B 83 9.94 -23.55 21.89
C ILE B 83 10.19 -23.86 20.40
N PHE B 84 9.38 -23.26 19.51
CA PHE B 84 9.48 -23.50 18.07
C PHE B 84 10.41 -22.55 17.30
N VAL B 85 10.88 -21.51 17.94
CA VAL B 85 11.65 -20.45 17.27
C VAL B 85 12.85 -21.01 16.51
N ASP B 86 13.65 -21.86 17.14
CA ASP B 86 14.88 -22.33 16.48
C ASP B 86 14.61 -23.37 15.41
N ALA B 87 13.61 -24.22 15.64
CA ALA B 87 13.15 -25.17 14.66
C ALA B 87 12.72 -24.41 13.38
N ILE B 88 11.91 -23.37 13.55
CA ILE B 88 11.42 -22.58 12.41
C ILE B 88 12.58 -21.86 11.69
N CYS B 89 13.47 -21.21 12.45
CA CYS B 89 14.64 -20.58 11.86
C CYS B 89 15.53 -21.51 11.05
N GLN B 90 15.59 -22.78 11.43
CA GLN B 90 16.45 -23.77 10.81
C GLN B 90 15.80 -24.48 9.61
N GLN B 91 14.54 -24.90 9.77
CA GLN B 91 13.90 -25.79 8.80
C GLN B 91 12.56 -25.24 8.26
N ASN B 92 12.25 -24.00 8.57
CA ASN B 92 11.02 -23.31 8.12
C ASN B 92 9.83 -23.82 8.91
N PHE B 93 8.70 -23.15 8.76
CA PHE B 93 7.41 -23.52 9.35
C PHE B 93 6.91 -24.82 8.78
N ASP B 94 6.31 -25.64 9.65
CA ASP B 94 5.75 -26.91 9.28
C ASP B 94 4.41 -27.07 10.01
N TRP B 95 3.31 -27.10 9.25
CA TRP B 95 1.96 -27.19 9.81
C TRP B 95 1.65 -28.56 10.45
N ARG B 96 2.52 -29.55 10.25
CA ARG B 96 2.24 -30.90 10.71
C ARG B 96 2.83 -31.23 12.10
N VAL B 97 3.50 -30.27 12.73
CA VAL B 97 4.08 -30.50 14.02
C VAL B 97 2.96 -30.87 14.99
N CYS B 98 1.96 -29.98 15.07
CA CYS B 98 0.69 -30.28 15.74
C CYS B 98 -0.45 -30.71 14.80
N GLY B 99 -0.47 -30.17 13.56
CA GLY B 99 -1.42 -30.59 12.52
C GLY B 99 -2.64 -29.68 12.37
N VAL B 100 -3.73 -30.26 11.83
CA VAL B 100 -5.14 -29.79 12.01
C VAL B 100 -5.35 -28.31 12.34
N SER B 104 -10.93 -24.01 9.22
CA SER B 104 -9.81 -24.24 8.32
C SER B 104 -10.09 -23.71 6.89
N TYR B 105 -9.08 -23.07 6.30
CA TYR B 105 -9.06 -22.69 4.88
C TYR B 105 -8.07 -23.59 4.09
N GLY B 106 -7.71 -24.72 4.70
CA GLY B 106 -6.89 -25.76 4.06
C GLY B 106 -5.77 -26.16 4.99
N LYS B 107 -5.19 -27.33 4.73
CA LYS B 107 -4.08 -27.86 5.54
C LYS B 107 -2.75 -27.32 5.10
N GLY B 108 -2.42 -26.12 5.58
CA GLY B 108 -1.17 -25.49 5.25
C GLY B 108 -0.75 -24.66 6.41
N SER B 109 0.37 -23.97 6.23
CA SER B 109 0.85 -23.02 7.24
C SER B 109 0.08 -21.72 7.09
N TYR B 110 -0.36 -21.14 8.23
CA TYR B 110 -1.19 -19.93 8.22
C TYR B 110 -0.41 -18.66 8.57
N PHE B 111 -0.78 -17.56 7.90
CA PHE B 111 -0.11 -16.24 8.07
C PHE B 111 -1.14 -15.15 8.06
N ALA B 112 -0.86 -14.07 8.81
CA ALA B 112 -1.83 -13.00 9.03
C ALA B 112 -1.17 -11.71 8.65
N ARG B 113 -1.93 -10.81 8.03
CA ARG B 113 -1.37 -9.50 7.75
C ARG B 113 -1.36 -8.65 8.99
N ASP B 114 -2.35 -8.84 9.86
CA ASP B 114 -2.40 -8.10 11.12
C ASP B 114 -1.78 -8.90 12.28
N ALA B 115 -0.75 -8.33 12.88
CA ALA B 115 -0.11 -8.84 14.11
C ALA B 115 -1.09 -9.23 15.26
N ALA B 116 -2.20 -8.51 15.37
CA ALA B 116 -3.17 -8.73 16.42
C ALA B 116 -3.86 -10.05 16.26
N TYR B 117 -3.94 -10.54 15.01
CA TYR B 117 -4.59 -11.81 14.76
C TYR B 117 -3.67 -12.94 15.17
N SER B 118 -2.37 -12.76 14.96
CA SER B 118 -1.35 -13.76 15.28
C SER B 118 -1.10 -13.90 16.79
N HIS B 119 -1.48 -12.88 17.54
CA HIS B 119 -1.42 -12.89 19.01
C HIS B 119 -2.06 -14.14 19.66
N HIS B 120 -3.30 -14.47 19.30
CA HIS B 120 -3.94 -15.69 19.80
C HIS B 120 -3.06 -16.94 19.74
N TYR B 121 -2.25 -17.02 18.69
CA TYR B 121 -1.43 -18.19 18.38
C TYR B 121 -0.06 -18.09 19.00
N SER B 122 0.32 -16.90 19.48
CA SER B 122 1.59 -16.69 20.16
C SER B 122 1.45 -17.09 21.63
N LYS B 123 1.33 -18.39 21.88
CA LYS B 123 1.00 -18.81 23.25
C LYS B 123 2.16 -18.82 24.21
N SER B 124 1.80 -18.53 25.47
CA SER B 124 2.75 -18.33 26.57
C SER B 124 2.05 -18.50 27.94
N ASP B 125 2.83 -18.92 28.96
CA ASP B 125 2.40 -18.89 30.39
C ASP B 125 2.82 -17.62 31.09
N THR B 126 3.45 -16.70 30.36
CA THR B 126 3.95 -15.49 30.97
C THR B 126 3.41 -14.33 30.18
N GLN B 127 3.87 -13.12 30.48
CA GLN B 127 3.45 -11.95 29.73
C GLN B 127 4.33 -11.70 28.47
N THR B 128 5.38 -12.51 28.30
CA THR B 128 6.26 -12.44 27.15
C THR B 128 5.84 -13.43 26.04
N HIS B 129 5.70 -12.88 24.83
CA HIS B 129 5.23 -13.61 23.65
C HIS B 129 6.16 -13.41 22.45
N THR B 130 6.22 -14.45 21.61
CA THR B 130 7.00 -14.42 20.37
C THR B 130 6.13 -14.61 19.12
N PHE B 132 6.71 -14.48 14.50
CA PHE B 132 7.56 -14.21 13.30
C PHE B 132 6.94 -13.14 12.41
N LEU B 133 7.78 -12.29 11.83
CA LEU B 133 7.42 -11.67 10.53
C LEU B 133 8.08 -12.52 9.46
N ALA B 134 7.28 -12.99 8.51
CA ALA B 134 7.77 -13.82 7.43
C ALA B 134 7.53 -13.17 6.05
N ARG B 135 8.48 -13.40 5.16
CA ARG B 135 8.35 -13.05 3.74
C ARG B 135 7.66 -14.20 3.04
N VAL B 136 6.49 -13.93 2.49
CA VAL B 136 5.64 -14.95 1.90
C VAL B 136 5.30 -14.67 0.38
N LEU B 137 5.64 -15.61 -0.50
CA LEU B 137 5.20 -15.60 -1.91
C LEU B 137 3.79 -16.10 -2.00
N VAL B 138 2.89 -15.19 -1.80
CA VAL B 138 1.46 -15.40 -1.92
C VAL B 138 0.96 -15.68 -3.38
N GLY B 139 1.61 -15.04 -4.35
CA GLY B 139 1.17 -15.14 -5.74
C GLY B 139 -0.31 -14.86 -5.92
N GLU B 140 -0.95 -15.74 -6.68
CA GLU B 140 -2.37 -15.63 -6.95
C GLU B 140 -3.14 -16.55 -6.03
N PHE B 141 -4.23 -16.05 -5.49
CA PHE B 141 -4.92 -16.74 -4.41
C PHE B 141 -6.41 -16.83 -4.68
N VAL B 142 -7.03 -17.82 -4.06
CA VAL B 142 -8.46 -18.07 -4.18
C VAL B 142 -8.92 -18.39 -2.76
N ARG B 143 -10.22 -18.25 -2.48
CA ARG B 143 -10.72 -18.61 -1.16
C ARG B 143 -10.41 -20.08 -0.84
N GLY B 144 -9.93 -20.33 0.38
CA GLY B 144 -9.59 -21.67 0.82
C GLY B 144 -10.77 -22.49 1.29
N ASN B 145 -10.48 -23.75 1.63
CA ASN B 145 -11.49 -24.72 2.06
C ASN B 145 -10.85 -25.78 2.96
N ALA B 146 -11.58 -26.21 3.98
CA ALA B 146 -11.04 -27.15 4.99
C ALA B 146 -10.52 -28.47 4.40
N SER B 147 -11.08 -28.90 3.29
CA SER B 147 -10.64 -30.12 2.61
C SER B 147 -9.38 -29.99 1.72
N PHE B 148 -8.97 -28.76 1.36
CA PHE B 148 -7.81 -28.56 0.47
C PHE B 148 -6.48 -28.97 1.12
N VAL B 149 -5.71 -29.72 0.33
CA VAL B 149 -4.35 -30.16 0.65
C VAL B 149 -3.33 -29.36 -0.20
N ARG B 150 -3.82 -28.65 -1.22
CA ARG B 150 -3.04 -27.75 -2.04
C ARG B 150 -4.02 -26.80 -2.74
N PRO B 151 -3.52 -25.70 -3.33
CA PRO B 151 -4.51 -24.80 -3.95
C PRO B 151 -5.20 -25.41 -5.19
N PRO B 152 -6.48 -25.08 -5.43
CA PRO B 152 -7.19 -25.62 -6.60
C PRO B 152 -6.70 -25.05 -7.93
N ALA B 153 -7.20 -25.63 -9.03
CA ALA B 153 -6.90 -25.16 -10.37
C ALA B 153 -7.55 -23.81 -10.66
N LYS B 154 -6.88 -22.98 -11.45
CA LYS B 154 -7.49 -21.74 -11.96
C LYS B 154 -8.42 -22.05 -13.12
N GLU B 155 -9.72 -21.92 -12.91
CA GLU B 155 -10.71 -22.23 -13.94
C GLU B 155 -10.70 -21.15 -15.01
N SER B 158 -5.70 -23.87 -18.24
CA SER B 158 -4.71 -24.67 -18.97
C SER B 158 -4.32 -25.90 -18.15
N ASN B 159 -3.33 -25.71 -17.27
CA ASN B 159 -3.11 -26.60 -16.14
C ASN B 159 -2.35 -25.72 -15.19
N ALA B 160 -3.04 -24.68 -14.72
CA ALA B 160 -2.49 -23.71 -13.80
C ALA B 160 -3.26 -23.80 -12.50
N PHE B 161 -2.53 -23.65 -11.40
CA PHE B 161 -3.12 -23.64 -10.07
C PHE B 161 -2.82 -22.32 -9.40
N TYR B 162 -3.65 -21.98 -8.42
CA TYR B 162 -3.39 -20.83 -7.55
C TYR B 162 -2.17 -21.12 -6.72
N ASP B 163 -1.55 -20.08 -6.19
CA ASP B 163 -0.35 -20.21 -5.36
C ASP B 163 -0.61 -20.32 -3.85
N SER B 164 -1.79 -19.90 -3.39
CA SER B 164 -2.12 -19.91 -2.00
C SER B 164 -3.64 -19.83 -1.86
N CYS B 165 -4.11 -19.88 -0.62
CA CYS B 165 -5.52 -19.69 -0.29
C CYS B 165 -5.68 -18.60 0.74
N VAL B 166 -6.85 -17.96 0.74
CA VAL B 166 -7.14 -16.86 1.65
C VAL B 166 -8.54 -16.96 2.22
N ASN B 167 -8.85 -16.07 3.15
CA ASN B 167 -10.19 -15.93 3.69
C ASN B 167 -11.09 -15.11 2.77
N SER B 168 -10.53 -14.06 2.19
CA SER B 168 -11.27 -13.17 1.30
C SER B 168 -10.38 -12.74 0.13
N VAL B 169 -10.83 -12.97 -1.09
CA VAL B 169 -10.12 -12.53 -2.27
C VAL B 169 -10.07 -10.99 -2.38
N SER B 170 -11.12 -10.30 -1.94
CA SER B 170 -11.18 -8.85 -2.07
C SER B 170 -10.45 -8.11 -0.96
N ASP B 171 -10.33 -8.73 0.20
CA ASP B 171 -9.64 -8.15 1.34
C ASP B 171 -9.03 -9.27 2.17
N PRO B 172 -7.90 -9.85 1.69
CA PRO B 172 -7.30 -11.00 2.35
C PRO B 172 -6.58 -10.63 3.65
N SER B 173 -6.90 -11.40 4.70
CA SER B 173 -6.38 -11.19 6.05
C SER B 173 -5.57 -12.37 6.55
N ILE B 174 -6.02 -13.57 6.15
CA ILE B 174 -5.43 -14.85 6.48
C ILE B 174 -4.99 -15.51 5.15
N PHE B 175 -3.78 -16.05 5.14
CA PHE B 175 -3.15 -16.71 4.02
C PHE B 175 -2.65 -18.10 4.43
N VAL B 176 -2.95 -19.10 3.61
CA VAL B 176 -2.51 -20.47 3.76
C VAL B 176 -1.52 -20.80 2.63
N ILE B 177 -0.34 -21.30 3.02
CA ILE B 177 0.74 -21.66 2.12
C ILE B 177 0.98 -23.15 2.29
N PHE B 178 0.87 -23.89 1.19
CA PHE B 178 1.04 -25.36 1.16
C PHE B 178 2.44 -25.79 0.71
N GLU B 179 3.22 -24.84 0.20
CA GLU B 179 4.58 -25.08 -0.25
C GLU B 179 5.55 -24.24 0.55
N LYS B 180 6.43 -24.88 1.30
CA LYS B 180 7.27 -24.14 2.25
C LYS B 180 8.30 -23.23 1.54
N HIS B 181 8.74 -23.62 0.33
CA HIS B 181 9.62 -22.74 -0.45
C HIS B 181 9.00 -21.37 -0.80
N GLN B 182 7.70 -21.22 -0.63
CA GLN B 182 7.05 -19.93 -0.67
C GLN B 182 7.12 -19.05 0.61
N VAL B 183 7.88 -19.47 1.64
CA VAL B 183 8.02 -18.66 2.90
C VAL B 183 9.49 -18.53 3.28
N TYR B 184 9.90 -17.35 3.67
CA TYR B 184 11.16 -17.13 4.34
C TYR B 184 10.83 -16.54 5.74
N PRO B 185 11.26 -17.23 6.80
CA PRO B 185 11.09 -16.69 8.15
C PRO B 185 12.09 -15.56 8.37
N GLU B 186 11.59 -14.36 8.50
CA GLU B 186 12.40 -13.21 8.32
C GLU B 186 12.82 -12.51 9.63
N TYR B 187 11.87 -12.28 10.53
CA TYR B 187 12.17 -11.67 11.86
C TYR B 187 11.49 -12.39 13.02
N VAL B 188 12.18 -12.43 14.18
CA VAL B 188 11.61 -12.90 15.47
C VAL B 188 11.33 -11.66 16.34
N ILE B 189 10.05 -11.42 16.59
CA ILE B 189 9.61 -10.33 17.39
C ILE B 189 9.29 -10.84 18.85
N GLN B 190 10.02 -10.34 19.83
CA GLN B 190 9.71 -10.64 21.24
C GLN B 190 9.03 -9.45 21.84
N TYR B 191 7.83 -9.66 22.39
CA TYR B 191 7.10 -8.58 23.04
C TYR B 191 6.39 -8.95 24.37
N THR B 192 5.97 -7.93 25.10
CA THR B 192 5.24 -8.12 26.35
C THR B 192 3.87 -7.42 26.40
N THR B 193 2.87 -8.12 26.96
CA THR B 193 1.54 -7.56 27.19
C THR B 193 1.47 -6.64 28.44
N SER B 194 2.59 -6.47 29.15
CA SER B 194 2.71 -5.38 30.13
C SER B 194 3.50 -4.22 29.56
N PRO C 10 33.22 17.09 11.72
CA PRO C 10 32.53 16.79 10.45
C PRO C 10 31.04 16.45 10.66
N GLY C 11 30.76 15.33 11.32
CA GLY C 11 29.43 15.04 11.88
C GLY C 11 28.54 14.14 11.04
N PHE C 12 28.79 14.06 9.74
CA PHE C 12 27.88 13.38 8.85
C PHE C 12 28.60 12.80 7.64
N GLN C 13 27.93 11.85 6.97
CA GLN C 13 28.36 11.33 5.69
C GLN C 13 27.20 11.34 4.72
N LYS C 14 27.49 11.58 3.45
CA LYS C 14 26.49 11.45 2.39
C LYS C 14 26.88 10.25 1.51
N ILE C 15 26.00 9.26 1.40
CA ILE C 15 26.23 8.01 0.65
C ILE C 15 25.45 8.07 -0.69
N THR C 16 26.18 8.11 -1.80
CA THR C 16 25.57 8.20 -3.16
C THR C 16 25.10 6.80 -3.56
N LEU C 17 23.79 6.62 -3.61
CA LEU C 17 23.18 5.32 -3.79
C LEU C 17 23.29 4.81 -5.26
N SER C 18 23.37 3.50 -5.45
CA SER C 18 23.22 2.89 -6.77
C SER C 18 21.80 3.09 -7.32
N SER C 19 21.68 3.57 -8.55
CA SER C 19 20.40 3.75 -9.21
C SER C 19 19.66 2.43 -9.45
N SER C 20 20.37 1.33 -9.23
CA SER C 20 19.84 -0.01 -9.38
C SER C 20 19.40 -0.60 -8.02
N SER C 21 19.57 0.16 -6.92
CA SER C 21 19.13 -0.29 -5.60
C SER C 21 17.65 -0.03 -5.39
N GLU C 22 17.04 -0.91 -4.61
CA GLU C 22 15.68 -0.74 -4.21
C GLU C 22 15.45 0.55 -3.38
N GLU C 23 16.40 0.87 -2.53
CA GLU C 23 16.35 2.10 -1.75
C GLU C 23 16.28 3.36 -2.63
N TYR C 24 17.17 3.46 -3.61
CA TYR C 24 17.10 4.54 -4.60
C TYR C 24 15.72 4.59 -5.24
N GLN C 25 15.24 3.42 -5.70
CA GLN C 25 14.02 3.33 -6.49
C GLN C 25 12.78 3.79 -5.75
N LYS C 26 12.73 3.56 -4.44
CA LYS C 26 11.63 4.07 -3.65
C LYS C 26 11.60 5.58 -3.61
N VAL C 27 12.77 6.20 -3.42
CA VAL C 27 12.88 7.65 -3.41
C VAL C 27 12.57 8.19 -4.83
N TRP C 28 13.19 7.58 -5.84
CA TRP C 28 12.99 7.99 -7.25
C TRP C 28 11.48 7.98 -7.59
N ASN C 29 10.81 6.89 -7.27
CA ASN C 29 9.42 6.75 -7.55
C ASN C 29 8.53 7.83 -6.95
N LEU C 30 8.77 8.21 -5.69
CA LEU C 30 8.01 9.29 -5.07
C LEU C 30 8.22 10.63 -5.79
N PHE C 31 9.48 10.96 -6.06
CA PHE C 31 9.85 12.13 -6.83
C PHE C 31 9.19 12.13 -8.23
N ASN C 32 9.34 11.03 -8.94
CA ASN C 32 8.80 10.87 -10.31
C ASN C 32 7.29 11.03 -10.40
N ARG C 33 6.57 10.66 -9.33
CA ARG C 33 5.11 10.77 -9.31
C ARG C 33 4.56 12.11 -9.72
N THR C 34 5.20 13.16 -9.23
CA THR C 34 4.80 14.53 -9.54
C THR C 34 5.88 15.33 -10.32
N LEU C 35 7.13 14.85 -10.46
CA LEU C 35 8.09 15.50 -11.39
C LEU C 35 8.63 14.51 -12.44
N PRO C 36 7.73 14.03 -13.30
CA PRO C 36 8.05 12.90 -14.18
C PRO C 36 9.05 13.18 -15.32
N PHE C 37 9.28 14.46 -15.63
CA PHE C 37 10.08 14.89 -16.81
C PHE C 37 11.43 15.49 -16.42
N TYR C 38 11.89 15.31 -15.17
CA TYR C 38 13.18 15.81 -14.78
C TYR C 38 14.02 14.61 -14.56
N PHE C 39 15.31 14.77 -14.84
CA PHE C 39 16.30 13.70 -14.76
C PHE C 39 17.01 13.76 -13.40
N VAL C 40 16.94 12.67 -12.65
CA VAL C 40 17.58 12.58 -11.36
C VAL C 40 19.02 12.20 -11.61
N GLN C 41 19.93 13.10 -11.22
CA GLN C 41 21.36 12.88 -11.40
C GLN C 41 22.02 12.09 -10.29
N LYS C 42 21.43 12.11 -9.09
CA LYS C 42 22.08 11.60 -7.89
C LYS C 42 21.03 11.53 -6.75
N ILE C 43 21.01 10.41 -6.00
CA ILE C 43 20.29 10.39 -4.70
C ILE C 43 21.28 9.97 -3.62
N GLU C 44 21.51 10.84 -2.64
CA GLU C 44 22.42 10.55 -1.51
C GLU C 44 21.64 10.26 -0.20
N ARG C 45 22.03 9.20 0.52
CA ARG C 45 21.55 8.96 1.90
C ARG C 45 22.39 9.72 2.93
N VAL C 46 21.75 10.53 3.76
CA VAL C 46 22.44 11.31 4.78
C VAL C 46 22.49 10.50 6.08
N GLN C 47 23.70 10.26 6.55
CA GLN C 47 23.99 9.64 7.82
C GLN C 47 24.60 10.63 8.78
N ASN C 48 23.80 11.06 9.74
CA ASN C 48 24.19 11.93 10.84
C ASN C 48 23.62 11.27 12.09
N LEU C 49 24.49 10.60 12.87
CA LEU C 49 24.07 9.85 14.06
C LEU C 49 23.40 10.71 15.14
N ALA C 50 23.95 11.90 15.37
CA ALA C 50 23.45 12.80 16.39
C ALA C 50 22.04 13.27 16.06
N LEU C 51 21.78 13.54 14.78
CA LEU C 51 20.46 14.00 14.37
C LEU C 51 19.50 12.85 14.38
N TRP C 52 19.97 11.66 14.03
CA TRP C 52 19.13 10.47 14.05
C TRP C 52 18.72 10.04 15.47
N GLU C 53 19.66 10.01 16.40
CA GLU C 53 19.39 9.68 17.85
C GLU C 53 18.32 10.59 18.51
N VAL C 54 18.43 11.89 18.27
CA VAL C 54 17.48 12.85 18.83
C VAL C 54 16.11 12.79 18.17
N TYR C 55 16.09 12.47 16.86
CA TYR C 55 14.86 12.22 16.12
C TYR C 55 14.16 10.97 16.64
N GLN C 56 14.93 9.90 16.83
CA GLN C 56 14.39 8.67 17.36
C GLN C 56 13.96 8.83 18.84
N TRP C 57 14.64 9.72 19.57
CA TRP C 57 14.28 10.04 20.94
C TRP C 57 12.94 10.80 20.98
N GLN C 58 12.85 11.89 20.22
CA GLN C 58 11.58 12.63 20.10
C GLN C 58 10.42 11.72 19.71
N LYS C 59 10.66 10.85 18.74
CA LYS C 59 9.69 9.85 18.33
C LYS C 59 9.18 9.04 19.52
N GLY C 60 10.11 8.43 20.25
CA GLY C 60 9.81 7.73 21.52
C GLY C 60 9.01 8.58 22.50
N GLN C 61 9.45 9.82 22.73
CA GLN C 61 8.76 10.71 23.66
C GLN C 61 7.28 10.96 23.33
N GLN C 63 5.43 9.09 21.43
CA GLN C 63 4.82 7.78 21.46
C GLN C 63 4.39 7.38 22.87
N LYS C 64 5.19 7.80 23.87
CA LYS C 64 4.80 7.69 25.29
C LYS C 64 3.59 8.56 25.59
N GLN C 65 3.60 9.78 25.07
CA GLN C 65 2.55 10.78 25.33
C GLN C 65 1.21 10.44 24.66
N ASN C 66 1.29 9.47 23.76
CA ASN C 66 0.26 9.16 22.83
C ASN C 66 -0.16 7.76 23.25
N GLY C 67 -1.20 7.21 22.63
CA GLY C 67 -1.63 5.85 22.93
C GLY C 67 -0.53 4.81 23.19
N GLY C 68 0.58 4.92 22.49
CA GLY C 68 1.44 3.79 22.23
C GLY C 68 1.43 3.53 20.73
N LYS C 69 0.40 4.05 20.05
CA LYS C 69 0.26 4.01 18.60
C LYS C 69 1.42 4.73 17.95
N ALA C 70 1.82 4.26 16.78
CA ALA C 70 2.91 4.89 16.06
C ALA C 70 2.51 6.33 15.84
N VAL C 71 3.48 7.21 15.96
CA VAL C 71 3.26 8.61 15.66
C VAL C 71 3.18 8.67 14.11
N ASP C 72 2.27 9.49 13.61
CA ASP C 72 2.18 9.72 12.16
C ASP C 72 3.58 10.20 11.70
N GLU C 73 4.26 9.35 10.94
CA GLU C 73 5.58 9.66 10.42
C GLU C 73 5.53 9.64 8.90
N ARG C 74 6.06 10.68 8.27
CA ARG C 74 5.92 10.84 6.82
C ARG C 74 7.21 11.21 6.10
N GLN C 75 7.29 10.79 4.84
CA GLN C 75 8.37 11.22 3.94
C GLN C 75 7.89 12.39 3.07
N LEU C 76 8.48 13.57 3.27
CA LEU C 76 7.97 14.82 2.69
C LEU C 76 9.12 15.61 2.11
N PHE C 77 8.83 16.33 1.03
CA PHE C 77 9.85 17.02 0.24
C PHE C 77 10.12 18.39 0.78
N HIS C 78 11.38 18.79 0.63
CA HIS C 78 11.79 20.14 1.00
C HIS C 78 12.85 20.66 0.01
N GLY C 79 12.48 21.62 -0.83
CA GLY C 79 13.41 22.25 -1.73
C GLY C 79 14.16 23.40 -1.09
N THR C 80 15.42 23.50 -1.44
CA THR C 80 16.26 24.56 -0.92
C THR C 80 17.38 24.81 -1.94
N SER C 81 18.20 25.86 -1.76
CA SER C 81 19.36 26.09 -2.63
C SER C 81 20.46 25.11 -2.26
N ALA C 82 21.29 24.69 -3.21
CA ALA C 82 22.43 23.82 -2.98
C ALA C 82 23.42 24.27 -1.92
N ILE C 83 23.57 25.57 -1.78
CA ILE C 83 24.48 26.13 -0.80
C ILE C 83 24.14 25.73 0.66
N PHE C 84 22.88 25.40 0.90
CA PHE C 84 22.42 25.00 2.23
C PHE C 84 22.52 23.51 2.54
N VAL C 85 22.93 22.70 1.57
CA VAL C 85 22.81 21.25 1.69
C VAL C 85 23.62 20.66 2.85
N ASP C 86 24.90 21.01 2.94
CA ASP C 86 25.77 20.45 3.98
C ASP C 86 25.45 21.03 5.35
N ALA C 87 25.05 22.30 5.39
CA ALA C 87 24.57 22.91 6.62
C ALA C 87 23.39 22.12 7.18
N ILE C 88 22.43 21.77 6.33
CA ILE C 88 21.26 21.00 6.76
C ILE C 88 21.63 19.58 7.16
N CYS C 89 22.47 18.97 6.36
CA CYS C 89 23.05 17.66 6.68
C CYS C 89 23.73 17.63 8.03
N GLN C 90 24.36 18.73 8.43
CA GLN C 90 25.00 18.77 9.72
C GLN C 90 24.11 19.16 10.91
N GLN C 91 23.25 20.15 10.70
CA GLN C 91 22.53 20.80 11.77
C GLN C 91 21.00 20.78 11.66
N ASN C 92 20.49 20.13 10.62
CA ASN C 92 19.09 20.14 10.29
C ASN C 92 18.62 21.46 9.65
N PHE C 93 17.36 21.45 9.22
CA PHE C 93 16.66 22.62 8.69
C PHE C 93 16.50 23.63 9.79
N ASP C 94 16.52 24.89 9.39
CA ASP C 94 16.36 26.00 10.30
C ASP C 94 15.62 27.13 9.59
N TRP C 95 14.34 27.31 9.91
CA TRP C 95 13.51 28.29 9.25
C TRP C 95 13.94 29.73 9.51
N ARG C 96 14.78 29.94 10.51
CA ARG C 96 15.27 31.27 10.82
C ARG C 96 16.35 31.77 9.85
N VAL C 97 16.93 30.91 9.03
CA VAL C 97 17.95 31.34 8.10
C VAL C 97 17.38 32.45 7.20
N CYS C 98 16.28 32.21 6.51
CA CYS C 98 15.56 33.28 5.80
C CYS C 98 14.30 33.80 6.47
N GLY C 99 13.85 33.14 7.54
CA GLY C 99 12.56 33.50 8.18
C GLY C 99 11.41 33.05 7.28
N VAL C 100 10.17 33.37 7.63
CA VAL C 100 9.04 32.92 6.81
C VAL C 100 8.24 34.08 6.22
N HIS C 101 7.91 33.99 4.93
CA HIS C 101 7.25 35.09 4.20
C HIS C 101 6.11 34.63 3.28
N GLY C 102 5.22 35.57 2.94
CA GLY C 102 4.08 35.28 2.05
C GLY C 102 2.92 34.67 2.82
N THR C 103 2.24 33.69 2.21
CA THR C 103 1.17 33.01 2.95
C THR C 103 1.85 31.98 3.85
N SER C 104 1.48 32.00 5.12
CA SER C 104 2.13 31.25 6.17
C SER C 104 1.05 30.46 6.93
N TYR C 105 1.44 29.29 7.40
CA TYR C 105 0.67 28.51 8.37
C TYR C 105 1.46 28.38 9.67
N GLY C 106 2.42 29.28 9.87
CA GLY C 106 3.24 29.31 11.07
C GLY C 106 4.73 29.51 10.82
N LYS C 107 5.40 30.03 11.84
CA LYS C 107 6.86 30.19 11.86
C LYS C 107 7.62 28.89 12.19
N GLY C 108 7.80 28.07 11.16
CA GLY C 108 8.54 26.83 11.24
C GLY C 108 9.04 26.41 9.84
N SER C 109 9.59 25.20 9.76
CA SER C 109 10.07 24.65 8.50
C SER C 109 8.92 23.95 7.77
N TYR C 110 8.94 24.05 6.44
CA TYR C 110 7.85 23.63 5.55
C TYR C 110 8.28 22.42 4.76
N PHE C 111 7.33 21.53 4.53
CA PHE C 111 7.58 20.27 3.88
C PHE C 111 6.37 20.01 3.06
N ALA C 112 6.57 19.44 1.88
CA ALA C 112 5.51 19.21 0.92
C ALA C 112 5.24 17.73 0.73
N ARG C 113 4.00 17.35 0.57
CA ARG C 113 3.72 16.00 0.11
C ARG C 113 4.27 15.71 -1.31
N ASP C 114 4.08 16.66 -2.22
CA ASP C 114 4.47 16.51 -3.63
C ASP C 114 5.76 17.18 -3.96
N ALA C 115 6.65 16.45 -4.59
CA ALA C 115 7.91 17.02 -5.05
C ALA C 115 7.69 18.27 -5.94
N ALA C 116 6.67 18.25 -6.77
CA ALA C 116 6.41 19.39 -7.71
C ALA C 116 6.20 20.69 -6.98
N TYR C 117 5.62 20.64 -5.78
CA TYR C 117 5.42 21.85 -4.96
C TYR C 117 6.76 22.38 -4.43
N SER C 118 7.63 21.46 -4.02
CA SER C 118 8.94 21.81 -3.47
C SER C 118 9.92 22.38 -4.56
N HIS C 119 9.73 22.03 -5.83
CA HIS C 119 10.53 22.54 -6.95
C HIS C 119 10.67 24.07 -7.00
N HIS C 120 9.58 24.78 -6.73
CA HIS C 120 9.68 26.23 -6.65
C HIS C 120 10.71 26.74 -5.64
N TYR C 121 10.92 25.98 -4.56
CA TYR C 121 11.84 26.40 -3.49
C TYR C 121 13.23 25.87 -3.75
N SER C 122 13.38 24.97 -4.71
CA SER C 122 14.70 24.53 -5.15
C SER C 122 15.32 25.57 -6.09
N LYS C 123 15.80 26.65 -5.51
CA LYS C 123 16.36 27.77 -6.25
C LYS C 123 17.71 27.48 -6.88
N SER C 124 17.83 27.82 -8.15
CA SER C 124 19.08 27.68 -8.88
C SER C 124 19.15 28.73 -9.97
N ASP C 125 20.37 29.09 -10.38
CA ASP C 125 20.61 29.92 -11.55
C ASP C 125 20.86 29.08 -12.81
N THR C 126 21.03 27.78 -12.61
CA THR C 126 21.27 26.81 -13.67
C THR C 126 20.07 25.88 -13.73
N GLN C 127 20.10 24.89 -14.63
CA GLN C 127 19.05 23.89 -14.70
C GLN C 127 19.21 22.72 -13.68
N THR C 128 20.28 22.72 -12.89
CA THR C 128 20.49 21.68 -11.89
C THR C 128 19.96 22.16 -10.52
N HIS C 129 19.18 21.30 -9.85
CA HIS C 129 18.48 21.64 -8.60
C HIS C 129 18.68 20.60 -7.49
N THR C 130 18.36 21.01 -6.27
CA THR C 130 18.47 20.14 -5.09
C THR C 130 17.18 20.19 -4.23
N PHE C 132 15.50 17.87 -0.62
CA PHE C 132 15.55 16.81 0.38
C PHE C 132 14.27 16.02 0.33
N LEU C 133 14.38 14.71 0.58
CA LEU C 133 13.21 13.94 0.98
C LEU C 133 13.47 13.67 2.46
N ALA C 134 12.71 14.36 3.32
CA ALA C 134 12.95 14.31 4.80
C ALA C 134 11.99 13.33 5.43
N ARG C 135 12.43 12.74 6.53
CA ARG C 135 11.57 11.88 7.36
C ARG C 135 10.98 12.84 8.42
N VAL C 136 9.67 12.90 8.55
CA VAL C 136 9.11 13.86 9.52
C VAL C 136 7.97 13.32 10.38
N LEU C 137 8.13 13.56 11.68
CA LEU C 137 7.17 13.22 12.69
C LEU C 137 6.10 14.30 12.76
N VAL C 138 5.05 14.13 11.97
CA VAL C 138 3.98 15.11 11.91
C VAL C 138 3.00 14.99 13.06
N GLY C 139 2.82 13.76 13.57
CA GLY C 139 1.94 13.52 14.69
C GLY C 139 0.50 13.88 14.38
N GLU C 140 -0.12 14.58 15.32
CA GLU C 140 -1.45 15.10 15.14
C GLU C 140 -1.36 16.55 14.70
N PHE C 141 -2.05 16.87 13.62
CA PHE C 141 -1.96 18.21 13.06
C PHE C 141 -3.29 18.92 13.14
N VAL C 142 -3.22 20.24 13.04
CA VAL C 142 -4.36 21.11 13.01
C VAL C 142 -4.02 22.12 11.92
N ARG C 143 -4.99 22.92 11.50
CA ARG C 143 -4.72 23.94 10.49
C ARG C 143 -3.88 25.08 11.10
N GLY C 144 -2.92 25.56 10.32
CA GLY C 144 -1.96 26.52 10.81
C GLY C 144 -2.45 27.92 10.57
N ASN C 145 -1.62 28.87 10.99
CA ASN C 145 -1.96 30.27 10.95
C ASN C 145 -0.64 30.99 10.97
N ALA C 146 -0.54 32.08 10.22
CA ALA C 146 0.67 32.89 10.12
C ALA C 146 1.27 33.32 11.50
N SER C 147 0.40 33.58 12.49
CA SER C 147 0.87 34.02 13.81
C SER C 147 1.36 32.89 14.73
N PHE C 148 1.21 31.63 14.33
CA PHE C 148 1.66 30.53 15.20
C PHE C 148 3.18 30.40 15.27
N VAL C 149 3.67 30.32 16.50
CA VAL C 149 5.09 30.08 16.81
C VAL C 149 5.28 28.63 17.31
N ARG C 150 4.17 27.90 17.44
CA ARG C 150 4.16 26.48 17.84
C ARG C 150 2.74 25.96 17.59
N PRO C 151 2.54 24.65 17.58
CA PRO C 151 1.14 24.24 17.41
C PRO C 151 0.23 24.55 18.63
N PRO C 152 -1.05 24.84 18.36
CA PRO C 152 -1.97 25.19 19.44
C PRO C 152 -2.31 24.01 20.36
N ALA C 153 -2.95 24.31 21.49
CA ALA C 153 -3.33 23.29 22.47
C ALA C 153 -4.47 22.45 21.94
N LYS C 154 -4.45 21.15 22.21
CA LYS C 154 -5.61 20.30 21.96
C LYS C 154 -6.65 20.56 23.05
N GLU C 155 -7.93 20.53 22.70
CA GLU C 155 -9.00 20.66 23.70
C GLU C 155 -9.12 19.35 24.50
N GLY C 156 -9.66 19.43 25.71
CA GLY C 156 -9.87 18.23 26.57
C GLY C 156 -9.07 18.26 27.87
N TRP C 157 -8.91 17.10 28.48
CA TRP C 157 -8.23 17.04 29.76
C TRP C 157 -6.77 16.68 29.77
N SER C 158 -6.27 16.14 28.67
CA SER C 158 -4.84 15.97 28.50
C SER C 158 -4.10 17.28 28.70
N ASN C 159 -2.79 17.20 28.82
CA ASN C 159 -2.00 18.41 28.95
C ASN C 159 -1.34 18.90 27.66
N ALA C 160 -2.01 18.70 26.53
CA ALA C 160 -1.37 18.29 25.30
C ALA C 160 -1.48 19.35 24.22
N PHE C 161 -0.46 19.49 23.37
CA PHE C 161 -0.54 20.24 22.12
C PHE C 161 -0.53 19.38 20.87
N TYR C 162 -0.96 19.95 19.75
CA TYR C 162 -0.74 19.35 18.44
C TYR C 162 0.77 19.32 18.10
N ASP C 163 1.14 18.47 17.14
CA ASP C 163 2.56 18.20 16.83
C ASP C 163 3.10 18.97 15.60
N SER C 164 2.19 19.41 14.73
CA SER C 164 2.53 20.21 13.57
C SER C 164 1.28 20.96 13.14
N CYS C 165 1.44 21.83 12.15
CA CYS C 165 0.34 22.51 11.49
C CYS C 165 0.32 22.24 9.99
N VAL C 166 -0.88 22.29 9.41
CA VAL C 166 -1.08 21.96 8.02
C VAL C 166 -1.93 23.01 7.33
N ASN C 167 -1.97 22.89 6.01
CA ASN C 167 -2.76 23.76 5.16
C ASN C 167 -4.22 23.25 5.09
N SER C 168 -4.44 21.97 5.35
CA SER C 168 -5.77 21.36 5.27
C SER C 168 -5.67 20.07 6.04
N VAL C 169 -6.69 19.74 6.83
CA VAL C 169 -6.63 18.57 7.72
C VAL C 169 -7.10 17.32 6.99
N SER C 170 -8.12 17.45 6.15
CA SER C 170 -8.64 16.29 5.42
C SER C 170 -7.70 15.88 4.27
N ASP C 171 -7.00 16.85 3.66
CA ASP C 171 -6.08 16.61 2.51
C ASP C 171 -4.76 17.39 2.71
N PRO C 172 -3.96 17.03 3.71
CA PRO C 172 -2.79 17.86 3.96
C PRO C 172 -1.72 17.68 2.84
N SER C 173 -1.26 18.77 2.26
CA SER C 173 -0.17 18.69 1.28
C SER C 173 1.02 19.56 1.67
N ILE C 174 0.85 20.43 2.67
CA ILE C 174 1.87 21.28 3.25
C ILE C 174 1.89 21.10 4.81
N PHE C 175 3.09 20.87 5.38
CA PHE C 175 3.28 20.68 6.82
C PHE C 175 4.31 21.66 7.35
N VAL C 176 4.03 22.22 8.53
CA VAL C 176 4.92 23.17 9.22
C VAL C 176 5.37 22.54 10.54
N ILE C 177 6.69 22.45 10.75
CA ILE C 177 7.25 21.80 11.90
C ILE C 177 7.94 22.91 12.69
N PHE C 178 7.66 22.96 14.00
CA PHE C 178 8.20 24.02 14.87
C PHE C 178 9.30 23.51 15.79
N GLU C 179 9.49 22.19 15.84
CA GLU C 179 10.49 21.54 16.65
C GLU C 179 11.36 20.77 15.69
N LYS C 180 12.64 21.10 15.65
CA LYS C 180 13.56 20.48 14.69
C LYS C 180 13.82 19.00 14.94
N HIS C 181 13.61 18.54 16.19
CA HIS C 181 13.79 17.14 16.54
C HIS C 181 12.71 16.24 15.93
N GLN C 182 11.65 16.84 15.38
CA GLN C 182 10.64 16.10 14.62
C GLN C 182 11.00 15.87 13.13
N VAL C 183 12.21 16.23 12.71
CA VAL C 183 12.65 16.08 11.33
C VAL C 183 14.03 15.47 11.25
N TYR C 184 14.23 14.52 10.34
CA TYR C 184 15.57 14.04 9.97
C TYR C 184 15.82 14.27 8.45
N PRO C 185 16.89 14.98 8.04
CA PRO C 185 17.13 15.20 6.58
C PRO C 185 17.67 13.99 5.81
N GLU C 186 16.81 13.00 5.58
CA GLU C 186 17.28 11.68 5.18
C GLU C 186 17.87 11.50 3.75
N TYR C 187 17.28 12.14 2.72
CA TYR C 187 17.80 11.96 1.33
C TYR C 187 18.04 13.28 0.63
N VAL C 188 19.18 13.43 -0.04
CA VAL C 188 19.42 14.59 -0.96
C VAL C 188 19.23 14.14 -2.43
N ILE C 189 18.32 14.80 -3.12
CA ILE C 189 18.03 14.50 -4.55
C ILE C 189 18.54 15.66 -5.38
N GLN C 190 19.52 15.39 -6.24
CA GLN C 190 20.02 16.34 -7.23
C GLN C 190 19.39 15.98 -8.55
N TYR C 191 18.72 16.94 -9.17
CA TYR C 191 18.07 16.68 -10.45
C TYR C 191 18.32 17.83 -11.48
N THR C 192 18.04 17.53 -12.75
CA THR C 192 18.11 18.52 -13.84
C THR C 192 16.80 18.62 -14.63
N THR C 193 16.37 19.83 -14.94
CA THR C 193 15.22 20.06 -15.85
C THR C 193 15.57 20.00 -17.36
N SER C 194 16.78 19.60 -17.74
CA SER C 194 17.14 19.51 -19.16
C SER C 194 17.10 18.08 -19.67
N PRO D 10 -45.80 24.51 -7.67
CA PRO D 10 -44.75 23.49 -7.84
C PRO D 10 -44.46 22.73 -6.54
N GLY D 11 -44.43 23.44 -5.42
CA GLY D 11 -44.19 22.82 -4.11
C GLY D 11 -42.74 22.46 -3.79
N PHE D 12 -41.80 22.84 -4.65
CA PHE D 12 -40.37 22.75 -4.38
C PHE D 12 -39.66 23.97 -4.92
N GLN D 13 -38.48 24.26 -4.41
CA GLN D 13 -37.58 25.26 -4.98
C GLN D 13 -36.17 24.68 -5.15
N LYS D 14 -35.44 25.17 -6.15
CA LYS D 14 -34.01 24.84 -6.31
C LYS D 14 -33.25 26.10 -6.06
N ILE D 15 -32.41 26.09 -5.02
CA ILE D 15 -31.69 27.29 -4.61
C ILE D 15 -30.22 27.19 -4.92
N THR D 16 -29.72 28.12 -5.72
CA THR D 16 -28.36 28.08 -6.18
C THR D 16 -27.47 28.58 -5.05
N LEU D 17 -26.44 27.82 -4.73
CA LEU D 17 -25.54 28.14 -3.62
C LEU D 17 -24.33 28.87 -4.14
N SER D 18 -23.80 29.76 -3.31
CA SER D 18 -22.53 30.41 -3.55
C SER D 18 -21.42 29.38 -3.43
N SER D 19 -20.44 29.44 -4.33
CA SER D 19 -19.32 28.52 -4.31
C SER D 19 -18.37 28.80 -3.16
N SER D 20 -18.48 30.00 -2.58
CA SER D 20 -17.81 30.31 -1.34
C SER D 20 -18.62 29.89 -0.07
N SER D 21 -19.79 29.28 -0.23
CA SER D 21 -20.54 28.71 0.90
C SER D 21 -19.85 27.50 1.50
N GLU D 22 -19.97 27.34 2.81
CA GLU D 22 -19.59 26.10 3.50
C GLU D 22 -20.47 24.93 3.05
N GLU D 23 -21.76 25.19 2.85
CA GLU D 23 -22.69 24.19 2.35
C GLU D 23 -22.37 23.69 0.90
N TYR D 24 -21.95 24.61 0.03
CA TYR D 24 -21.50 24.25 -1.31
C TYR D 24 -20.26 23.38 -1.25
N GLN D 25 -19.25 23.83 -0.51
CA GLN D 25 -17.96 23.15 -0.44
C GLN D 25 -18.03 21.71 0.09
N LYS D 26 -18.92 21.45 1.05
CA LYS D 26 -19.20 20.08 1.54
C LYS D 26 -19.75 19.12 0.48
N VAL D 27 -20.67 19.61 -0.35
CA VAL D 27 -21.17 18.88 -1.53
C VAL D 27 -20.06 18.68 -2.56
N TRP D 28 -19.30 19.72 -2.81
CA TRP D 28 -18.23 19.73 -3.81
C TRP D 28 -17.13 18.74 -3.44
N ASN D 29 -16.72 18.77 -2.17
CA ASN D 29 -15.73 17.82 -1.63
C ASN D 29 -16.12 16.35 -1.85
N LEU D 30 -17.37 15.99 -1.59
CA LEU D 30 -17.82 14.59 -1.80
C LEU D 30 -17.72 14.20 -3.29
N PHE D 31 -18.15 15.12 -4.14
CA PHE D 31 -18.10 14.98 -5.60
C PHE D 31 -16.65 14.78 -6.02
N ASN D 32 -15.83 15.75 -5.66
CA ASN D 32 -14.41 15.81 -6.00
C ASN D 32 -13.51 14.67 -5.52
N ARG D 33 -13.99 13.88 -4.56
CA ARG D 33 -13.31 12.68 -4.09
C ARG D 33 -13.07 11.66 -5.16
N THR D 34 -14.01 11.50 -6.09
CA THR D 34 -13.89 10.50 -7.17
C THR D 34 -14.03 11.06 -8.64
N LEU D 35 -14.33 12.35 -8.78
CA LEU D 35 -14.40 13.03 -10.09
C LEU D 35 -13.63 14.34 -10.00
N PRO D 36 -12.36 14.29 -9.54
CA PRO D 36 -11.66 15.55 -9.40
C PRO D 36 -11.21 16.19 -10.76
N PHE D 37 -11.49 15.56 -11.88
CA PHE D 37 -10.99 16.02 -13.21
C PHE D 37 -12.12 16.63 -14.02
N TYR D 38 -13.33 16.66 -13.43
CA TYR D 38 -14.48 17.38 -14.00
C TYR D 38 -14.65 18.68 -13.25
N PHE D 39 -15.46 19.59 -13.80
N PHE D 39 -15.47 19.58 -13.80
CA PHE D 39 -15.62 20.94 -13.26
CA PHE D 39 -15.63 20.94 -13.26
C PHE D 39 -17.09 21.16 -12.91
C PHE D 39 -17.09 21.19 -12.92
N VAL D 40 -17.34 21.45 -11.63
CA VAL D 40 -18.69 21.68 -11.15
C VAL D 40 -19.10 23.08 -11.49
N GLN D 41 -20.21 23.20 -12.22
CA GLN D 41 -20.68 24.47 -12.76
C GLN D 41 -21.75 25.04 -11.83
N LYS D 42 -22.54 24.18 -11.21
CA LYS D 42 -23.59 24.63 -10.32
C LYS D 42 -23.99 23.55 -9.30
N ILE D 43 -24.38 24.00 -8.11
CA ILE D 43 -24.93 23.18 -7.01
C ILE D 43 -26.15 23.95 -6.48
N GLU D 44 -27.30 23.30 -6.56
CA GLU D 44 -28.57 23.83 -6.11
C GLU D 44 -29.07 22.98 -4.91
N ARG D 45 -29.55 23.64 -3.87
CA ARG D 45 -30.19 22.98 -2.74
C ARG D 45 -31.64 22.70 -3.06
N VAL D 46 -32.07 21.45 -2.97
CA VAL D 46 -33.45 21.12 -3.26
C VAL D 46 -34.26 21.30 -1.94
N GLN D 47 -35.33 22.08 -2.01
CA GLN D 47 -36.24 22.36 -0.88
C GLN D 47 -37.64 21.88 -1.27
N ASN D 48 -37.97 20.65 -0.89
CA ASN D 48 -39.34 20.13 -0.97
C ASN D 48 -39.77 19.73 0.43
N LEU D 49 -40.72 20.47 1.00
CA LEU D 49 -41.19 20.22 2.36
C LEU D 49 -41.98 18.91 2.52
N ALA D 50 -42.84 18.58 1.56
CA ALA D 50 -43.57 17.33 1.65
C ALA D 50 -42.64 16.13 1.61
N LEU D 51 -41.58 16.17 0.80
CA LEU D 51 -40.63 15.06 0.73
C LEU D 51 -39.73 14.94 1.97
N TRP D 52 -39.38 16.10 2.53
CA TRP D 52 -38.58 16.23 3.72
C TRP D 52 -39.32 15.64 4.95
N GLU D 53 -40.59 16.02 5.11
CA GLU D 53 -41.39 15.58 6.26
C GLU D 53 -41.65 14.10 6.26
N VAL D 54 -42.03 13.52 5.13
CA VAL D 54 -42.24 12.08 5.08
C VAL D 54 -40.93 11.29 5.20
N TYR D 55 -39.81 11.91 4.83
CA TYR D 55 -38.51 11.32 5.07
C TYR D 55 -38.09 11.33 6.57
N GLN D 56 -38.20 12.49 7.20
CA GLN D 56 -37.88 12.62 8.66
C GLN D 56 -38.83 11.72 9.47
N TRP D 57 -40.09 11.66 9.09
CA TRP D 57 -41.04 10.73 9.65
C TRP D 57 -40.55 9.28 9.57
N GLN D 58 -40.08 8.89 8.39
CA GLN D 58 -39.63 7.51 8.17
C GLN D 58 -38.38 7.17 8.97
N LYS D 59 -37.49 8.14 9.10
CA LYS D 59 -36.32 8.00 9.90
C LYS D 59 -36.71 7.73 11.39
N GLY D 60 -37.67 8.51 11.88
CA GLY D 60 -38.25 8.35 13.23
C GLY D 60 -38.86 6.97 13.42
N GLN D 61 -39.64 6.50 12.46
CA GLN D 61 -40.23 5.19 12.57
C GLN D 61 -39.16 4.14 12.65
N GLN D 63 -36.06 4.51 13.76
CA GLN D 63 -35.33 4.67 15.00
C GLN D 63 -36.08 3.85 16.08
N LYS D 64 -37.41 3.94 16.13
CA LYS D 64 -38.20 3.17 17.07
C LYS D 64 -38.10 1.62 16.98
N GLN D 65 -37.65 1.10 15.84
CA GLN D 65 -37.58 -0.36 15.64
C GLN D 65 -36.14 -0.83 15.53
N ASN D 66 -35.22 0.02 15.91
CA ASN D 66 -33.84 -0.25 15.64
C ASN D 66 -33.09 -0.78 16.87
N GLY D 67 -33.78 -0.93 18.00
CA GLY D 67 -33.14 -1.46 19.20
C GLY D 67 -32.08 -0.56 19.79
N GLY D 68 -32.28 0.76 19.72
CA GLY D 68 -31.29 1.75 20.17
C GLY D 68 -30.11 2.06 19.23
N LYS D 69 -29.99 1.35 18.12
CA LYS D 69 -28.95 1.62 17.08
C LYS D 69 -29.31 2.93 16.38
N ALA D 70 -28.32 3.77 16.06
CA ALA D 70 -28.55 4.87 15.09
C ALA D 70 -28.97 4.27 13.73
N VAL D 71 -29.86 4.93 13.00
CA VAL D 71 -30.23 4.49 11.62
C VAL D 71 -29.08 4.94 10.70
N ASP D 72 -28.46 3.96 10.02
CA ASP D 72 -27.46 4.23 8.98
C ASP D 72 -28.11 5.11 7.88
N GLU D 73 -27.61 6.33 7.74
CA GLU D 73 -28.13 7.38 6.89
C GLU D 73 -26.88 7.83 6.15
N ARG D 74 -26.94 7.89 4.81
CA ARG D 74 -25.76 8.25 3.97
C ARG D 74 -26.08 9.31 2.89
N GLN D 75 -25.06 10.02 2.47
CA GLN D 75 -25.16 10.96 1.36
C GLN D 75 -24.62 10.28 0.12
N LEU D 76 -25.57 9.96 -0.76
CA LEU D 76 -25.30 9.08 -1.91
C LEU D 76 -25.68 9.74 -3.27
N PHE D 77 -24.93 9.39 -4.30
CA PHE D 77 -25.09 9.98 -5.67
C PHE D 77 -26.13 9.25 -6.51
N HIS D 78 -26.92 10.01 -7.26
CA HIS D 78 -27.79 9.46 -8.33
C HIS D 78 -27.70 10.27 -9.67
N GLY D 79 -27.01 9.71 -10.66
CA GLY D 79 -26.93 10.32 -11.99
C GLY D 79 -28.22 10.07 -12.74
N THR D 80 -28.84 11.13 -13.20
CA THR D 80 -29.99 11.01 -14.11
C THR D 80 -29.84 11.96 -15.34
N SER D 81 -30.72 11.86 -16.34
CA SER D 81 -30.86 12.89 -17.42
C SER D 81 -31.50 14.16 -16.88
N ALA D 82 -31.18 15.27 -17.54
CA ALA D 82 -31.63 16.62 -17.19
C ALA D 82 -33.13 16.81 -17.22
N ILE D 83 -33.82 16.18 -18.17
CA ILE D 83 -35.28 16.25 -18.25
C ILE D 83 -35.99 15.62 -17.02
N PHE D 84 -35.27 14.83 -16.23
CA PHE D 84 -35.88 14.26 -15.04
C PHE D 84 -35.68 15.07 -13.76
N VAL D 85 -34.88 16.14 -13.81
CA VAL D 85 -34.50 16.88 -12.61
C VAL D 85 -35.71 17.42 -11.85
N ASP D 86 -36.60 18.17 -12.51
CA ASP D 86 -37.73 18.76 -11.77
C ASP D 86 -38.76 17.71 -11.27
N ALA D 87 -38.90 16.58 -11.96
CA ALA D 87 -39.81 15.52 -11.58
C ALA D 87 -39.35 14.88 -10.25
N ILE D 88 -38.03 14.69 -10.14
CA ILE D 88 -37.40 14.14 -8.97
C ILE D 88 -37.54 15.13 -7.83
N CYS D 89 -37.13 16.37 -8.04
CA CYS D 89 -37.31 17.39 -7.01
C CYS D 89 -38.73 17.51 -6.44
N GLN D 90 -39.73 17.25 -7.28
CA GLN D 90 -41.13 17.38 -6.92
C GLN D 90 -41.73 16.09 -6.34
N GLN D 91 -41.36 14.94 -6.89
CA GLN D 91 -42.01 13.67 -6.60
C GLN D 91 -41.06 12.58 -6.14
N ASN D 92 -39.79 12.92 -5.90
CA ASN D 92 -38.75 11.94 -5.59
C ASN D 92 -38.42 11.03 -6.79
N PHE D 93 -37.33 10.28 -6.65
CA PHE D 93 -36.87 9.29 -7.61
C PHE D 93 -37.86 8.14 -7.80
N ASP D 94 -37.96 7.63 -9.03
CA ASP D 94 -38.84 6.53 -9.35
C ASP D 94 -38.24 5.59 -10.38
N TRP D 95 -37.89 4.39 -9.95
CA TRP D 95 -37.26 3.41 -10.82
C TRP D 95 -38.18 2.90 -11.96
N ARG D 96 -39.46 3.19 -11.91
CA ARG D 96 -40.39 2.58 -12.84
C ARG D 96 -40.56 3.37 -14.15
N VAL D 97 -40.14 4.64 -14.17
CA VAL D 97 -40.20 5.48 -15.34
C VAL D 97 -39.64 4.73 -16.57
N CYS D 98 -38.34 4.44 -16.56
CA CYS D 98 -37.73 3.55 -17.54
C CYS D 98 -37.72 2.10 -17.12
N GLY D 99 -37.65 1.84 -15.80
CA GLY D 99 -37.55 0.47 -15.30
C GLY D 99 -36.11 -0.03 -15.17
N VAL D 100 -35.99 -1.35 -15.05
CA VAL D 100 -34.70 -2.07 -14.96
C VAL D 100 -33.73 -1.72 -16.10
N THR D 103 -28.67 -5.43 -15.50
CA THR D 103 -27.76 -5.66 -14.38
C THR D 103 -28.40 -5.21 -13.04
N SER D 104 -28.76 -6.17 -12.19
CA SER D 104 -29.64 -5.86 -11.08
C SER D 104 -29.28 -6.49 -9.71
N TYR D 105 -29.44 -5.65 -8.68
CA TYR D 105 -29.44 -6.05 -7.28
C TYR D 105 -30.85 -5.89 -6.72
N GLY D 106 -31.84 -5.77 -7.60
CA GLY D 106 -33.23 -5.66 -7.21
C GLY D 106 -33.95 -4.52 -7.88
N LYS D 107 -35.27 -4.55 -7.78
CA LYS D 107 -36.17 -3.59 -8.39
C LYS D 107 -36.45 -2.37 -7.54
N GLY D 108 -35.50 -1.45 -7.48
CA GLY D 108 -35.67 -0.22 -6.75
C GLY D 108 -34.81 0.85 -7.34
N SER D 109 -34.80 2.03 -6.71
CA SER D 109 -33.91 3.14 -7.14
C SER D 109 -32.50 2.91 -6.63
N TYR D 110 -31.51 3.35 -7.41
CA TYR D 110 -30.12 2.98 -7.22
C TYR D 110 -29.33 4.21 -6.87
N PHE D 111 -28.36 4.02 -5.97
CA PHE D 111 -27.53 5.11 -5.46
C PHE D 111 -26.13 4.61 -5.35
N ALA D 112 -25.19 5.54 -5.35
CA ALA D 112 -23.78 5.19 -5.43
C ALA D 112 -23.03 5.96 -4.36
N ARG D 113 -22.12 5.26 -3.67
CA ARG D 113 -21.13 5.92 -2.82
C ARG D 113 -20.28 6.93 -3.58
N ASP D 114 -19.78 6.56 -4.76
CA ASP D 114 -18.89 7.42 -5.53
C ASP D 114 -19.59 8.12 -6.72
N ALA D 115 -19.48 9.45 -6.75
CA ALA D 115 -19.90 10.28 -7.88
C ALA D 115 -19.41 9.69 -9.23
N ALA D 116 -18.17 9.23 -9.30
CA ALA D 116 -17.62 8.59 -10.49
C ALA D 116 -18.42 7.40 -11.04
N TYR D 117 -19.16 6.68 -10.18
CA TYR D 117 -19.96 5.53 -10.63
C TYR D 117 -21.29 6.01 -11.24
N SER D 118 -21.81 7.12 -10.73
CA SER D 118 -23.05 7.75 -11.23
C SER D 118 -22.88 8.54 -12.58
N HIS D 119 -21.64 8.81 -12.95
CA HIS D 119 -21.37 9.52 -14.15
C HIS D 119 -22.03 8.84 -15.39
N HIS D 120 -21.76 7.55 -15.59
CA HIS D 120 -22.42 6.72 -16.59
C HIS D 120 -23.93 6.84 -16.70
N TYR D 121 -24.58 7.13 -15.57
CA TYR D 121 -26.03 7.21 -15.52
C TYR D 121 -26.51 8.61 -15.77
N SER D 122 -25.59 9.57 -15.80
CA SER D 122 -25.95 10.96 -16.05
C SER D 122 -25.78 11.28 -17.56
N LYS D 123 -26.80 10.88 -18.29
CA LYS D 123 -26.82 10.96 -19.74
C LYS D 123 -26.92 12.40 -20.21
N SER D 124 -26.07 12.73 -21.19
CA SER D 124 -26.18 14.00 -21.91
C SER D 124 -25.83 13.78 -23.35
N ASP D 125 -26.30 14.68 -24.22
CA ASP D 125 -25.83 14.78 -25.60
C ASP D 125 -24.74 15.82 -25.68
N THR D 126 -24.51 16.52 -24.58
CA THR D 126 -23.46 17.53 -24.53
C THR D 126 -22.45 17.13 -23.47
N GLN D 127 -21.60 18.06 -23.09
CA GLN D 127 -20.57 17.81 -22.13
C GLN D 127 -21.02 18.25 -20.72
N THR D 128 -22.25 18.79 -20.63
CA THR D 128 -22.88 19.21 -19.40
C THR D 128 -23.74 18.06 -18.90
N HIS D 129 -23.52 17.70 -17.66
CA HIS D 129 -24.16 16.57 -17.01
C HIS D 129 -24.78 16.99 -15.68
N THR D 130 -25.80 16.26 -15.27
CA THR D 130 -26.51 16.54 -14.04
C THR D 130 -26.53 15.26 -13.18
N PHE D 132 -27.67 13.97 -8.94
CA PHE D 132 -28.17 14.28 -7.57
C PHE D 132 -27.20 13.79 -6.48
N LEU D 133 -27.02 14.59 -5.44
CA LEU D 133 -26.66 14.04 -4.09
C LEU D 133 -27.93 13.93 -3.26
N ALA D 134 -28.26 12.71 -2.83
CA ALA D 134 -29.46 12.43 -2.00
C ALA D 134 -29.07 12.00 -0.53
N ARG D 135 -30.00 12.25 0.39
CA ARG D 135 -29.95 11.70 1.79
C ARG D 135 -30.73 10.43 1.79
N VAL D 136 -30.09 9.33 2.06
CA VAL D 136 -30.73 8.04 1.96
C VAL D 136 -30.68 7.29 3.35
N LEU D 137 -31.81 6.79 3.79
CA LEU D 137 -31.87 5.91 4.97
C LEU D 137 -31.62 4.52 4.51
N VAL D 138 -30.37 4.13 4.55
CA VAL D 138 -30.00 2.80 4.13
C VAL D 138 -30.32 1.77 5.20
N GLY D 139 -30.21 2.15 6.49
CA GLY D 139 -30.57 1.24 7.57
C GLY D 139 -29.76 -0.02 7.53
N GLU D 140 -30.41 -1.16 7.67
CA GLU D 140 -29.72 -2.42 7.74
C GLU D 140 -29.87 -3.05 6.37
N PHE D 141 -28.76 -3.57 5.83
CA PHE D 141 -28.73 -3.99 4.42
C PHE D 141 -28.19 -5.39 4.28
N VAL D 142 -28.62 -6.03 3.20
CA VAL D 142 -28.23 -7.37 2.85
C VAL D 142 -27.94 -7.31 1.34
N ARG D 143 -27.25 -8.32 0.83
CA ARG D 143 -26.95 -8.36 -0.58
C ARG D 143 -28.23 -8.52 -1.38
N GLY D 144 -28.33 -7.77 -2.47
CA GLY D 144 -29.53 -7.79 -3.31
C GLY D 144 -29.49 -8.90 -4.33
N ASN D 145 -30.53 -8.94 -5.17
CA ASN D 145 -30.74 -9.99 -6.17
C ASN D 145 -31.75 -9.49 -7.16
N ALA D 146 -31.59 -9.86 -8.43
CA ALA D 146 -32.43 -9.35 -9.52
C ALA D 146 -33.94 -9.56 -9.31
N SER D 147 -34.31 -10.68 -8.69
CA SER D 147 -35.71 -11.03 -8.42
C SER D 147 -36.42 -10.22 -7.31
N PHE D 148 -35.65 -9.52 -6.46
CA PHE D 148 -36.19 -8.83 -5.30
C PHE D 148 -37.03 -7.63 -5.74
N VAL D 149 -38.23 -7.52 -5.16
CA VAL D 149 -39.03 -6.30 -5.23
C VAL D 149 -39.11 -5.59 -3.87
N ARG D 150 -38.57 -6.24 -2.82
CA ARG D 150 -38.49 -5.71 -1.44
C ARG D 150 -37.22 -6.25 -0.83
N PRO D 151 -36.71 -5.65 0.25
CA PRO D 151 -35.64 -6.35 0.97
C PRO D 151 -36.15 -7.59 1.71
N PRO D 152 -35.33 -8.66 1.78
CA PRO D 152 -35.75 -9.89 2.43
C PRO D 152 -35.85 -9.79 3.96
N ALA D 153 -36.46 -10.81 4.56
CA ALA D 153 -36.57 -10.90 6.00
C ALA D 153 -35.21 -11.17 6.61
N LYS D 154 -35.03 -10.72 7.84
CA LYS D 154 -33.84 -11.03 8.61
C LYS D 154 -33.90 -12.48 9.09
N GLU D 155 -32.84 -12.95 9.74
CA GLU D 155 -32.64 -14.38 9.98
C GLU D 155 -33.48 -15.06 11.08
N GLY D 156 -34.76 -14.69 11.21
CA GLY D 156 -35.65 -15.36 12.14
C GLY D 156 -36.83 -14.48 12.52
N TRP D 157 -36.63 -13.65 13.55
CA TRP D 157 -37.57 -12.60 14.00
C TRP D 157 -39.01 -12.87 13.54
N ALA D 160 -39.54 -9.01 10.89
CA ALA D 160 -38.42 -8.10 10.69
C ALA D 160 -37.84 -8.26 9.28
N PHE D 161 -37.49 -7.13 8.68
CA PHE D 161 -36.89 -7.05 7.34
C PHE D 161 -35.72 -6.10 7.28
N TYR D 162 -34.82 -6.30 6.32
CA TYR D 162 -33.79 -5.31 6.05
C TYR D 162 -34.41 -4.05 5.43
N ASP D 163 -33.70 -2.94 5.48
CA ASP D 163 -34.20 -1.66 4.97
C ASP D 163 -33.74 -1.34 3.53
N SER D 164 -32.70 -2.03 3.06
CA SER D 164 -32.10 -1.72 1.78
C SER D 164 -31.27 -2.91 1.33
N CYS D 165 -30.93 -2.91 0.04
CA CYS D 165 -30.05 -3.92 -0.55
C CYS D 165 -28.77 -3.30 -1.13
N VAL D 166 -27.69 -4.10 -1.20
CA VAL D 166 -26.40 -3.62 -1.68
C VAL D 166 -25.67 -4.65 -2.53
N ASN D 167 -24.51 -4.26 -3.03
CA ASN D 167 -23.66 -5.13 -3.84
C ASN D 167 -22.72 -5.94 -2.97
N SER D 168 -22.31 -5.35 -1.85
CA SER D 168 -21.44 -6.00 -0.87
C SER D 168 -21.79 -5.52 0.54
N VAL D 169 -21.96 -6.45 1.48
CA VAL D 169 -22.19 -6.03 2.87
C VAL D 169 -20.91 -5.51 3.53
N SER D 170 -19.75 -6.09 3.21
CA SER D 170 -18.47 -5.63 3.77
C SER D 170 -17.99 -4.30 3.23
N ASP D 171 -18.29 -4.00 1.96
CA ASP D 171 -17.82 -2.77 1.35
C ASP D 171 -18.84 -2.27 0.34
N PRO D 172 -19.99 -1.80 0.84
CA PRO D 172 -21.07 -1.39 -0.05
C PRO D 172 -20.79 -0.09 -0.82
N SER D 173 -20.99 -0.13 -2.13
CA SER D 173 -20.86 1.08 -2.98
C SER D 173 -22.08 1.30 -3.84
N ILE D 174 -22.93 0.29 -3.95
CA ILE D 174 -24.19 0.45 -4.58
C ILE D 174 -25.31 0.09 -3.60
N PHE D 175 -26.34 0.94 -3.54
CA PHE D 175 -27.52 0.79 -2.64
C PHE D 175 -28.81 0.88 -3.44
N VAL D 176 -29.66 -0.14 -3.33
CA VAL D 176 -31.00 -0.15 -3.91
C VAL D 176 -32.03 0.10 -2.80
N ILE D 177 -32.91 1.07 -3.08
CA ILE D 177 -33.93 1.52 -2.15
C ILE D 177 -35.32 1.24 -2.75
N PHE D 178 -36.12 0.43 -2.04
CA PHE D 178 -37.42 -0.03 -2.51
C PHE D 178 -38.59 0.79 -1.97
N GLU D 179 -38.30 1.67 -1.00
CA GLU D 179 -39.30 2.53 -0.40
C GLU D 179 -38.82 3.96 -0.52
N LYS D 180 -39.61 4.77 -1.23
CA LYS D 180 -39.20 6.13 -1.58
C LYS D 180 -39.08 7.03 -0.38
N HIS D 181 -39.89 6.81 0.66
CA HIS D 181 -39.78 7.62 1.90
C HIS D 181 -38.39 7.52 2.56
N GLN D 182 -37.60 6.49 2.24
CA GLN D 182 -36.17 6.43 2.63
C GLN D 182 -35.15 7.32 1.84
N VAL D 183 -35.61 8.21 0.94
CA VAL D 183 -34.67 9.08 0.14
C VAL D 183 -35.14 10.50 0.17
N TYR D 184 -34.23 11.44 0.41
CA TYR D 184 -34.54 12.86 0.16
C TYR D 184 -33.51 13.38 -0.90
N PRO D 185 -34.00 13.86 -2.04
CA PRO D 185 -33.07 14.39 -3.08
C PRO D 185 -32.62 15.75 -2.63
N GLU D 186 -31.40 15.94 -2.21
CA GLU D 186 -31.06 17.20 -1.52
C GLU D 186 -30.30 18.19 -2.33
N TYR D 187 -29.48 17.74 -3.31
CA TYR D 187 -28.67 18.65 -4.12
C TYR D 187 -28.65 18.22 -5.63
N VAL D 188 -28.79 19.21 -6.53
CA VAL D 188 -28.57 18.99 -7.98
C VAL D 188 -27.20 19.56 -8.32
N ILE D 189 -26.30 18.68 -8.74
CA ILE D 189 -24.96 19.05 -9.11
C ILE D 189 -24.92 19.07 -10.68
N GLN D 190 -24.61 20.23 -11.24
CA GLN D 190 -24.40 20.37 -12.69
C GLN D 190 -22.92 20.54 -12.89
N TYR D 191 -22.34 19.72 -13.74
CA TYR D 191 -20.90 19.73 -14.01
C TYR D 191 -20.56 19.51 -15.51
N THR D 192 -19.33 19.82 -15.86
CA THR D 192 -18.84 19.67 -17.22
C THR D 192 -17.59 18.77 -17.34
N THR D 193 -17.56 17.93 -18.37
CA THR D 193 -16.37 17.15 -18.71
C THR D 193 -15.40 17.91 -19.64
N SER D 194 -15.69 19.18 -19.93
CA SER D 194 -14.82 20.01 -20.76
C SER D 194 -13.67 20.71 -20.02
N SER D 195 -12.57 20.89 -20.73
CA SER D 195 -11.52 21.86 -20.38
C SER D 195 -11.49 23.04 -21.37
N PRO E 10 -0.23 7.13 39.60
CA PRO E 10 -1.62 6.60 39.62
C PRO E 10 -2.18 6.31 38.23
N GLY E 11 -2.01 7.26 37.31
CA GLY E 11 -2.49 7.13 35.94
C GLY E 11 -3.91 7.61 35.72
N PHE E 12 -4.61 7.98 36.78
CA PHE E 12 -5.96 8.50 36.64
C PHE E 12 -6.29 9.60 37.64
N GLN E 13 -7.33 10.35 37.32
CA GLN E 13 -7.88 11.39 38.17
C GLN E 13 -9.39 11.14 38.21
N LYS E 14 -9.99 11.47 39.35
CA LYS E 14 -11.44 11.44 39.54
C LYS E 14 -11.83 12.83 39.87
N ILE E 15 -12.77 13.39 39.12
CA ILE E 15 -13.08 14.81 39.22
C ILE E 15 -14.54 14.98 39.57
N THR E 16 -14.78 15.49 40.78
CA THR E 16 -16.09 15.73 41.32
C THR E 16 -16.78 16.87 40.62
N LEU E 17 -17.94 16.58 40.04
CA LEU E 17 -18.65 17.56 39.24
C LEU E 17 -19.69 18.29 40.06
N SER E 18 -19.89 19.56 39.70
CA SER E 18 -20.89 20.39 40.30
C SER E 18 -22.22 19.87 39.86
N SER E 19 -23.16 19.75 40.80
CA SER E 19 -24.52 19.33 40.48
C SER E 19 -25.23 20.35 39.62
N SER E 20 -24.66 21.56 39.54
CA SER E 20 -25.08 22.60 38.61
C SER E 20 -24.69 22.38 37.14
N SER E 21 -23.61 21.65 36.90
CA SER E 21 -23.07 21.50 35.55
C SER E 21 -23.98 20.63 34.71
N GLU E 22 -24.10 20.92 33.42
CA GLU E 22 -24.94 20.10 32.55
C GLU E 22 -24.32 18.72 32.32
N GLU E 23 -23.01 18.60 32.51
CA GLU E 23 -22.34 17.28 32.50
C GLU E 23 -22.88 16.38 33.63
N TYR E 24 -23.02 16.94 34.82
CA TYR E 24 -23.56 16.18 35.95
C TYR E 24 -25.01 15.79 35.62
N GLN E 25 -25.76 16.76 35.11
CA GLN E 25 -27.17 16.58 34.83
C GLN E 25 -27.53 15.64 33.70
N LYS E 26 -26.66 15.40 32.72
CA LYS E 26 -26.99 14.36 31.77
C LYS E 26 -26.66 12.96 32.29
N VAL E 27 -25.62 12.82 33.11
CA VAL E 27 -25.39 11.53 33.82
C VAL E 27 -26.54 11.26 34.80
N TRP E 28 -26.90 12.27 35.58
CA TRP E 28 -27.98 12.19 36.57
C TRP E 28 -29.28 11.78 35.90
N ASN E 29 -29.60 12.43 34.78
CA ASN E 29 -30.83 12.14 34.09
C ASN E 29 -30.93 10.67 33.60
N LEU E 30 -29.85 10.09 33.13
CA LEU E 30 -29.85 8.64 32.74
C LEU E 30 -30.11 7.67 33.93
N PHE E 31 -29.43 7.95 35.05
CA PHE E 31 -29.69 7.28 36.38
C PHE E 31 -31.14 7.43 36.77
N ASN E 32 -31.61 8.67 36.83
CA ASN E 32 -32.96 9.00 37.22
C ASN E 32 -34.10 8.38 36.40
N ARG E 33 -33.78 7.91 35.19
CA ARG E 33 -34.76 7.28 34.30
C ARG E 33 -35.34 5.99 34.87
N THR E 34 -34.49 5.16 35.47
CA THR E 34 -35.01 3.96 36.10
C THR E 34 -34.82 3.94 37.65
N LEU E 35 -34.11 4.91 38.23
CA LEU E 35 -34.03 5.02 39.71
C LEU E 35 -34.44 6.42 40.18
N PRO E 36 -35.67 6.83 39.86
CA PRO E 36 -36.11 8.15 40.25
C PRO E 36 -36.21 8.41 41.77
N PHE E 37 -36.21 7.36 42.61
CA PHE E 37 -36.53 7.49 44.04
C PHE E 37 -35.30 7.36 44.94
N TYR E 38 -34.12 7.21 44.33
CA TYR E 38 -32.90 7.20 45.04
C TYR E 38 -32.32 8.60 44.93
N PHE E 39 -31.25 8.85 45.69
CA PHE E 39 -30.63 10.18 45.78
C PHE E 39 -29.15 10.09 45.45
N VAL E 40 -28.76 10.75 44.37
CA VAL E 40 -27.35 10.82 43.99
C VAL E 40 -26.65 11.81 44.90
N GLN E 41 -25.51 11.38 45.45
CA GLN E 41 -24.72 12.16 46.35
C GLN E 41 -23.42 12.70 45.73
N LYS E 42 -22.92 12.05 44.69
CA LYS E 42 -21.68 12.47 44.06
C LYS E 42 -21.57 11.84 42.67
N ILE E 43 -21.08 12.63 41.71
CA ILE E 43 -20.77 12.15 40.36
C ILE E 43 -19.39 12.67 40.02
N GLU E 44 -18.47 11.74 39.78
CA GLU E 44 -17.09 12.06 39.44
C GLU E 44 -16.80 11.66 37.97
N ARG E 45 -16.18 12.56 37.21
CA ARG E 45 -15.63 12.24 35.87
C ARG E 45 -14.29 11.53 36.01
N VAL E 46 -14.19 10.35 35.39
CA VAL E 46 -12.97 9.57 35.42
C VAL E 46 -12.07 9.96 34.23
N GLN E 47 -10.82 10.36 34.54
CA GLN E 47 -9.84 10.77 33.54
C GLN E 47 -8.68 9.81 33.56
N ASN E 48 -8.65 8.90 32.59
CA ASN E 48 -7.54 8.00 32.39
C ASN E 48 -7.11 8.02 30.93
N LEU E 49 -6.12 8.85 30.63
CA LEU E 49 -5.64 9.01 29.25
C LEU E 49 -5.29 7.69 28.57
N ALA E 50 -4.55 6.83 29.24
CA ALA E 50 -4.16 5.57 28.64
C ALA E 50 -5.38 4.73 28.23
N LEU E 51 -6.41 4.66 29.08
CA LEU E 51 -7.59 3.88 28.74
C LEU E 51 -8.45 4.58 27.67
N TRP E 52 -8.42 5.89 27.69
CA TRP E 52 -9.15 6.68 26.75
C TRP E 52 -8.52 6.54 25.33
N GLU E 53 -7.20 6.58 25.25
CA GLU E 53 -6.47 6.45 23.99
C GLU E 53 -6.73 5.09 23.35
N VAL E 54 -6.68 4.00 24.13
CA VAL E 54 -6.87 2.68 23.58
C VAL E 54 -8.29 2.42 23.18
N TYR E 55 -9.23 3.01 23.89
CA TYR E 55 -10.63 2.98 23.51
C TYR E 55 -10.93 3.71 22.20
N GLN E 56 -10.37 4.89 22.04
CA GLN E 56 -10.58 5.64 20.79
C GLN E 56 -9.86 4.91 19.64
N TRP E 57 -8.70 4.34 19.91
CA TRP E 57 -8.01 3.53 18.93
C TRP E 57 -8.89 2.34 18.47
N GLN E 58 -9.53 1.67 19.43
CA GLN E 58 -10.39 0.54 19.13
C GLN E 58 -11.64 0.95 18.35
N LYS E 59 -12.20 2.09 18.74
CA LYS E 59 -13.33 2.65 18.09
C LYS E 59 -12.96 2.96 16.59
N GLY E 60 -11.84 3.64 16.35
CA GLY E 60 -11.29 3.84 14.97
C GLY E 60 -11.10 2.53 14.21
N GLN E 61 -10.61 1.47 14.86
CA GLN E 61 -10.42 0.19 14.15
C GLN E 61 -11.73 -0.43 13.71
N GLN E 63 -14.58 1.29 13.21
CA GLN E 63 -15.13 2.15 12.15
C GLN E 63 -14.60 1.72 10.75
N LYS E 64 -13.33 1.32 10.68
CA LYS E 64 -12.69 0.90 9.42
C LYS E 64 -13.14 -0.46 8.86
N GLN E 65 -13.79 -1.26 9.67
CA GLN E 65 -14.18 -2.64 9.33
C GLN E 65 -15.68 -2.71 9.31
N ASN E 66 -16.32 -1.56 9.36
CA ASN E 66 -17.73 -1.57 9.61
C ASN E 66 -18.57 -1.29 8.37
N GLY E 67 -17.94 -1.31 7.19
CA GLY E 67 -18.63 -1.03 5.93
C GLY E 67 -19.26 0.36 5.86
N GLY E 68 -18.63 1.34 6.51
CA GLY E 68 -19.17 2.71 6.62
C GLY E 68 -20.37 2.95 7.55
N LYS E 69 -20.69 1.96 8.39
CA LYS E 69 -21.73 2.13 9.44
C LYS E 69 -21.08 2.91 10.61
N ALA E 70 -21.82 3.80 11.25
CA ALA E 70 -21.40 4.34 12.58
C ALA E 70 -21.29 3.19 13.60
N VAL E 71 -20.32 3.27 14.51
CA VAL E 71 -20.12 2.17 15.46
C VAL E 71 -21.12 2.37 16.61
N ASP E 72 -21.89 1.34 16.92
CA ASP E 72 -22.91 1.42 18.01
C ASP E 72 -22.08 1.58 19.32
N GLU E 73 -22.16 2.76 19.90
CA GLU E 73 -21.49 3.13 21.10
C GLU E 73 -22.60 3.53 22.08
N ARG E 74 -22.54 3.03 23.31
CA ARG E 74 -23.58 3.36 24.30
C ARG E 74 -23.04 3.70 25.71
N GLN E 75 -23.83 4.44 26.45
CA GLN E 75 -23.56 4.75 27.86
C GLN E 75 -24.36 3.78 28.72
N LEU E 76 -23.66 2.81 29.29
CA LEU E 76 -24.27 1.72 30.05
C LEU E 76 -23.73 1.63 31.51
N PHE E 77 -24.55 1.07 32.40
CA PHE E 77 -24.27 1.03 33.87
C PHE E 77 -23.60 -0.26 34.26
N HIS E 78 -22.69 -0.15 35.20
CA HIS E 78 -22.03 -1.28 35.83
C HIS E 78 -21.90 -1.06 37.37
N GLY E 79 -22.78 -1.73 38.13
CA GLY E 79 -22.71 -1.71 39.61
C GLY E 79 -21.53 -2.56 40.09
N THR E 80 -20.74 -2.00 41.00
CA THR E 80 -19.67 -2.76 41.67
C THR E 80 -19.54 -2.38 43.20
N SER E 81 -18.67 -3.09 43.95
CA SER E 81 -18.36 -2.69 45.32
C SER E 81 -17.38 -1.56 45.28
N ALA E 82 -17.37 -0.75 46.33
CA ALA E 82 -16.52 0.42 46.46
C ALA E 82 -15.05 0.06 46.45
N ILE E 83 -14.71 -1.11 47.01
CA ILE E 83 -13.32 -1.57 46.98
C ILE E 83 -12.72 -1.73 45.56
N PHE E 84 -13.57 -1.92 44.56
CA PHE E 84 -13.11 -2.03 43.16
C PHE E 84 -12.99 -0.71 42.41
N VAL E 85 -13.48 0.38 42.97
CA VAL E 85 -13.64 1.63 42.20
C VAL E 85 -12.33 2.08 41.62
N ASP E 86 -11.30 2.19 42.45
CA ASP E 86 -10.03 2.76 41.97
C ASP E 86 -9.24 1.82 41.04
N ALA E 87 -9.35 0.52 41.28
CA ALA E 87 -8.83 -0.49 40.39
C ALA E 87 -9.49 -0.40 38.99
N ILE E 88 -10.79 -0.19 38.94
CA ILE E 88 -11.51 -0.10 37.67
C ILE E 88 -11.04 1.17 36.90
N CYS E 89 -11.01 2.29 37.62
CA CYS E 89 -10.50 3.56 37.11
C CYS E 89 -9.07 3.49 36.57
N GLN E 90 -8.25 2.63 37.17
CA GLN E 90 -6.89 2.52 36.74
C GLN E 90 -6.70 1.52 35.60
N GLN E 91 -7.35 0.36 35.69
CA GLN E 91 -7.06 -0.73 34.78
C GLN E 91 -8.26 -1.28 34.04
N ASN E 92 -9.40 -0.60 34.13
CA ASN E 92 -10.63 -1.04 33.47
C ASN E 92 -11.28 -2.20 34.22
N PHE E 93 -12.55 -2.42 33.93
CA PHE E 93 -13.31 -3.60 34.38
C PHE E 93 -12.66 -4.87 33.94
N ASP E 94 -12.79 -5.89 34.80
CA ASP E 94 -12.21 -7.19 34.58
C ASP E 94 -13.06 -8.28 35.22
N TRP E 95 -13.74 -9.05 34.36
CA TRP E 95 -14.67 -10.09 34.78
C TRP E 95 -14.05 -11.27 35.54
N ARG E 96 -12.73 -11.41 35.50
CA ARG E 96 -12.05 -12.55 36.10
C ARG E 96 -11.73 -12.41 37.61
N VAL E 97 -11.92 -11.22 38.16
CA VAL E 97 -11.59 -10.91 39.53
C VAL E 97 -12.33 -11.91 40.45
N CYS E 98 -13.66 -11.90 40.37
CA CYS E 98 -14.49 -12.93 40.94
C CYS E 98 -14.87 -14.02 39.96
N GLY E 99 -14.73 -13.75 38.66
CA GLY E 99 -15.19 -14.70 37.65
C GLY E 99 -16.67 -14.49 37.42
N VAL E 100 -17.25 -15.34 36.59
CA VAL E 100 -18.65 -15.19 36.17
C VAL E 100 -19.36 -16.45 36.60
N HIS E 101 -20.51 -16.31 37.25
CA HIS E 101 -21.11 -17.42 38.00
C HIS E 101 -22.55 -17.73 37.52
N GLY E 102 -22.72 -18.91 36.92
CA GLY E 102 -24.06 -19.44 36.60
C GLY E 102 -24.59 -19.10 35.22
N THR E 103 -25.73 -18.40 35.18
CA THR E 103 -26.57 -18.29 33.96
C THR E 103 -26.13 -17.13 33.03
N SER E 104 -24.87 -17.18 32.63
CA SER E 104 -24.27 -16.08 31.93
C SER E 104 -24.72 -16.01 30.45
N TYR E 105 -24.54 -14.83 29.85
CA TYR E 105 -24.62 -14.65 28.41
C TYR E 105 -23.20 -14.65 27.84
N GLY E 106 -22.25 -15.17 28.62
CA GLY E 106 -20.87 -15.26 28.23
C GLY E 106 -19.94 -14.77 29.31
N LYS E 107 -18.69 -15.18 29.17
CA LYS E 107 -17.65 -14.88 30.10
C LYS E 107 -16.98 -13.57 29.73
N GLY E 108 -17.64 -12.49 30.10
CA GLY E 108 -17.14 -11.15 29.88
C GLY E 108 -17.69 -10.22 30.92
N SER E 109 -17.37 -8.94 30.79
CA SER E 109 -17.96 -7.89 31.65
C SER E 109 -19.36 -7.54 31.21
N TYR E 110 -20.20 -7.17 32.18
CA TYR E 110 -21.62 -6.94 32.00
C TYR E 110 -21.96 -5.50 32.22
N PHE E 111 -22.93 -5.01 31.44
CA PHE E 111 -23.36 -3.61 31.48
C PHE E 111 -24.80 -3.61 31.22
N ALA E 112 -25.49 -2.64 31.75
CA ALA E 112 -26.93 -2.64 31.68
C ALA E 112 -27.38 -1.35 31.10
N ARG E 113 -28.45 -1.38 30.31
CA ARG E 113 -29.07 -0.16 29.86
C ARG E 113 -29.62 0.64 31.04
N ASP E 114 -30.27 -0.06 31.97
CA ASP E 114 -31.04 0.57 33.05
C ASP E 114 -30.25 0.55 34.35
N ALA E 115 -29.97 1.73 34.88
CA ALA E 115 -29.39 1.92 36.21
C ALA E 115 -30.08 1.01 37.25
N ALA E 116 -31.40 0.88 37.16
CA ALA E 116 -32.17 0.04 38.06
C ALA E 116 -31.69 -1.41 38.10
N TYR E 117 -31.18 -1.90 36.97
CA TYR E 117 -30.72 -3.28 36.91
C TYR E 117 -29.32 -3.44 37.52
N SER E 118 -28.52 -2.40 37.45
CA SER E 118 -27.20 -2.41 38.06
C SER E 118 -27.18 -2.31 39.60
N HIS E 119 -28.27 -1.81 40.18
CA HIS E 119 -28.44 -1.66 41.63
C HIS E 119 -28.11 -2.93 42.43
N HIS E 120 -28.72 -4.06 42.06
CA HIS E 120 -28.38 -5.37 42.61
C HIS E 120 -26.90 -5.65 42.76
N TYR E 121 -26.09 -5.20 41.78
CA TYR E 121 -24.65 -5.46 41.71
C TYR E 121 -23.85 -4.45 42.46
N SER E 122 -24.50 -3.37 42.87
CA SER E 122 -23.84 -2.34 43.67
C SER E 122 -23.86 -2.68 45.18
N LYS E 123 -22.97 -3.60 45.56
CA LYS E 123 -22.94 -4.17 46.93
C LYS E 123 -22.38 -3.19 47.93
N SER E 124 -23.16 -2.97 48.98
CA SER E 124 -22.78 -2.18 50.14
C SER E 124 -23.21 -2.78 51.48
N ASP E 125 -22.53 -2.37 52.53
CA ASP E 125 -23.07 -2.48 53.86
C ASP E 125 -23.58 -1.16 54.36
N THR E 126 -23.19 -0.07 53.70
CA THR E 126 -23.47 1.23 54.22
C THR E 126 -24.60 2.04 53.60
N GLN E 127 -25.42 1.46 52.73
CA GLN E 127 -26.53 2.24 52.20
C GLN E 127 -26.07 3.37 51.26
N THR E 128 -24.80 3.73 51.30
CA THR E 128 -24.18 4.34 50.15
C THR E 128 -23.78 3.30 49.14
N HIS E 129 -24.28 3.46 47.91
CA HIS E 129 -23.93 2.57 46.81
C HIS E 129 -23.21 3.28 45.70
N THR E 130 -22.46 2.47 44.95
CA THR E 130 -21.57 2.95 43.88
C THR E 130 -21.77 2.16 42.59
N PHE E 132 -20.81 2.51 38.13
CA PHE E 132 -20.19 3.25 36.96
C PHE E 132 -21.22 3.50 35.85
N LEU E 133 -21.15 4.67 35.23
CA LEU E 133 -21.62 4.83 33.83
C LEU E 133 -20.43 4.67 32.89
N ALA E 134 -20.46 3.67 32.00
CA ALA E 134 -19.34 3.43 31.09
C ALA E 134 -19.71 3.80 29.60
N ARG E 135 -18.68 4.12 28.85
CA ARG E 135 -18.80 4.35 27.40
C ARG E 135 -18.43 3.01 26.81
N VAL E 136 -19.41 2.39 26.15
CA VAL E 136 -19.23 1.03 25.65
C VAL E 136 -19.43 0.95 24.09
N LEU E 137 -18.43 0.42 23.41
CA LEU E 137 -18.50 0.12 21.96
C LEU E 137 -19.15 -1.24 21.75
N VAL E 138 -20.45 -1.29 21.68
CA VAL E 138 -21.18 -2.57 21.60
C VAL E 138 -21.21 -3.16 20.16
N GLY E 139 -21.03 -2.27 19.17
CA GLY E 139 -20.87 -2.67 17.80
C GLY E 139 -22.07 -3.46 17.36
N GLU E 140 -21.81 -4.54 16.64
CA GLU E 140 -22.86 -5.38 16.15
C GLU E 140 -22.93 -6.55 17.11
N PHE E 141 -24.16 -6.92 17.47
CA PHE E 141 -24.36 -7.91 18.54
C PHE E 141 -25.32 -9.05 18.19
N VAL E 142 -25.11 -10.17 18.89
CA VAL E 142 -25.86 -11.40 18.77
C VAL E 142 -26.19 -11.91 20.18
N ARG E 143 -27.19 -12.78 20.27
CA ARG E 143 -27.55 -13.34 21.56
C ARG E 143 -26.39 -14.05 22.23
N GLY E 144 -26.23 -13.80 23.53
CA GLY E 144 -25.18 -14.45 24.32
C GLY E 144 -25.47 -15.89 24.67
N ASN E 145 -24.46 -16.57 25.20
CA ASN E 145 -24.58 -17.94 25.66
C ASN E 145 -23.49 -18.13 26.71
N ALA E 146 -23.77 -18.98 27.71
CA ALA E 146 -22.91 -19.17 28.89
C ALA E 146 -21.53 -19.74 28.57
N SER E 147 -21.46 -20.46 27.46
CA SER E 147 -20.23 -21.08 26.98
C SER E 147 -19.28 -20.13 26.25
N PHE E 148 -19.75 -18.94 25.88
CA PHE E 148 -18.94 -18.04 25.04
C PHE E 148 -17.79 -17.42 25.83
N VAL E 149 -16.59 -17.52 25.26
CA VAL E 149 -15.41 -16.80 25.73
C VAL E 149 -15.07 -15.57 24.83
N ARG E 150 -15.81 -15.46 23.72
CA ARG E 150 -15.70 -14.35 22.78
C ARG E 150 -16.98 -14.39 21.99
N PRO E 151 -17.35 -13.28 21.31
CA PRO E 151 -18.59 -13.37 20.52
C PRO E 151 -18.42 -14.26 19.26
N PRO E 152 -19.52 -14.84 18.76
CA PRO E 152 -19.47 -15.75 17.64
C PRO E 152 -19.24 -15.09 16.26
N ALA E 153 -18.91 -15.92 15.29
CA ALA E 153 -18.68 -15.49 13.93
C ALA E 153 -20.01 -15.01 13.32
N LYS E 154 -19.96 -13.93 12.55
CA LYS E 154 -21.08 -13.56 11.69
C LYS E 154 -21.04 -14.57 10.56
N GLU E 155 -22.05 -15.41 10.42
CA GLU E 155 -21.94 -16.47 9.40
C GLU E 155 -22.08 -15.91 7.99
N GLY E 156 -21.53 -16.62 7.02
CA GLY E 156 -21.48 -16.15 5.65
C GLY E 156 -20.25 -15.29 5.40
N TRP E 157 -20.09 -14.25 6.22
CA TRP E 157 -18.95 -13.34 6.11
C TRP E 157 -17.65 -14.15 6.31
N SER E 158 -16.62 -13.87 5.51
CA SER E 158 -15.31 -14.49 5.74
C SER E 158 -14.64 -13.94 7.01
N ASN E 159 -14.61 -14.76 8.05
CA ASN E 159 -13.86 -14.46 9.29
C ASN E 159 -14.24 -13.12 9.94
N ALA E 160 -15.52 -12.79 9.94
CA ALA E 160 -16.00 -11.62 10.66
C ALA E 160 -16.75 -12.10 11.92
N PHE E 161 -16.61 -11.34 13.00
CA PHE E 161 -17.22 -11.66 14.30
C PHE E 161 -18.06 -10.51 14.81
N TYR E 162 -19.08 -10.84 15.60
CA TYR E 162 -19.85 -9.82 16.31
C TYR E 162 -18.96 -9.15 17.33
N ASP E 163 -19.37 -7.98 17.79
CA ASP E 163 -18.54 -7.17 18.68
C ASP E 163 -18.90 -7.40 20.17
N SER E 164 -20.13 -7.81 20.44
CA SER E 164 -20.61 -8.05 21.79
C SER E 164 -21.78 -9.01 21.76
N CYS E 165 -22.23 -9.41 22.95
CA CYS E 165 -23.39 -10.30 23.12
C CYS E 165 -24.45 -9.66 24.00
N VAL E 166 -25.72 -9.95 23.71
CA VAL E 166 -26.85 -9.42 24.48
C VAL E 166 -27.85 -10.49 24.96
N ASN E 167 -28.85 -10.03 25.72
CA ASN E 167 -30.00 -10.81 26.16
C ASN E 167 -31.10 -10.87 25.12
N SER E 168 -31.23 -9.77 24.35
CA SER E 168 -32.21 -9.67 23.26
C SER E 168 -31.69 -8.77 22.12
N VAL E 169 -31.70 -9.26 20.88
CA VAL E 169 -31.26 -8.43 19.75
C VAL E 169 -32.27 -7.31 19.50
N SER E 170 -33.56 -7.63 19.60
CA SER E 170 -34.62 -6.67 19.32
C SER E 170 -34.76 -5.57 20.38
N ASP E 171 -34.36 -5.88 21.62
CA ASP E 171 -34.48 -4.92 22.72
C ASP E 171 -33.41 -5.20 23.76
N PRO E 172 -32.14 -4.87 23.45
CA PRO E 172 -31.03 -5.18 24.36
C PRO E 172 -31.03 -4.32 25.65
N SER E 173 -30.94 -4.98 26.80
CA SER E 173 -30.87 -4.30 28.11
C SER E 173 -29.65 -4.75 28.92
N ILE E 174 -29.08 -5.89 28.56
CA ILE E 174 -27.84 -6.38 29.11
C ILE E 174 -26.81 -6.68 27.98
N PHE E 175 -25.58 -6.20 28.18
CA PHE E 175 -24.51 -6.37 27.19
C PHE E 175 -23.29 -7.00 27.83
N VAL E 176 -22.67 -7.94 27.11
CA VAL E 176 -21.46 -8.60 27.53
C VAL E 176 -20.30 -8.25 26.59
N ILE E 177 -19.23 -7.70 27.18
CA ILE E 177 -18.02 -7.27 26.50
C ILE E 177 -16.79 -8.15 26.86
N PHE E 178 -16.18 -8.74 25.83
CA PHE E 178 -15.06 -9.65 25.95
C PHE E 178 -13.73 -8.98 25.70
N GLU E 179 -13.77 -7.75 25.20
CA GLU E 179 -12.57 -7.02 24.95
C GLU E 179 -12.70 -5.73 25.72
N LYS E 180 -11.74 -5.46 26.61
CA LYS E 180 -11.81 -4.33 27.52
C LYS E 180 -11.57 -3.03 26.82
N HIS E 181 -10.76 -3.07 25.74
CA HIS E 181 -10.58 -1.91 24.86
C HIS E 181 -11.87 -1.36 24.29
N GLN E 182 -12.94 -2.13 24.29
CA GLN E 182 -14.30 -1.62 24.01
C GLN E 182 -15.04 -0.91 25.13
N VAL E 183 -14.38 -0.64 26.28
CA VAL E 183 -15.03 0.10 27.39
C VAL E 183 -14.15 1.22 27.91
N TYR E 184 -14.74 2.35 28.19
CA TYR E 184 -14.07 3.36 28.96
C TYR E 184 -14.92 3.66 30.20
N PRO E 185 -14.31 3.50 31.40
CA PRO E 185 -15.07 3.81 32.63
C PRO E 185 -15.17 5.30 32.78
N GLU E 186 -16.36 5.84 32.61
CA GLU E 186 -16.51 7.24 32.33
C GLU E 186 -16.83 8.08 33.57
N TYR E 187 -17.79 7.57 34.37
CA TYR E 187 -18.28 8.28 35.58
C TYR E 187 -18.48 7.33 36.77
N VAL E 188 -18.13 7.78 37.97
CA VAL E 188 -18.52 7.09 39.22
C VAL E 188 -19.71 7.79 39.89
N ILE E 189 -20.80 7.06 40.04
CA ILE E 189 -22.00 7.61 40.63
C ILE E 189 -22.16 7.03 42.08
N GLN E 190 -22.15 7.89 43.07
CA GLN E 190 -22.47 7.50 44.46
C GLN E 190 -23.88 7.94 44.75
N TYR E 191 -24.69 7.02 45.28
CA TYR E 191 -26.07 7.33 45.61
C TYR E 191 -26.60 6.68 46.93
N THR E 192 -27.72 7.19 47.41
CA THR E 192 -28.39 6.65 48.60
C THR E 192 -29.82 6.22 48.29
N THR E 193 -30.22 5.13 48.92
CA THR E 193 -31.63 4.73 49.05
C THR E 193 -32.57 5.81 49.63
N SER E 194 -32.26 6.34 50.81
CA SER E 194 -33.16 7.24 51.55
C SER E 194 -32.79 8.71 51.39
N PRO F 10 54.81 -4.45 -10.19
CA PRO F 10 53.78 -5.18 -10.93
C PRO F 10 53.01 -4.27 -11.89
N GLY F 11 52.29 -4.87 -12.83
CA GLY F 11 51.54 -4.11 -13.84
C GLY F 11 50.19 -3.59 -13.37
N PHE F 12 49.91 -3.62 -12.07
CA PHE F 12 48.59 -3.27 -11.56
C PHE F 12 48.59 -2.58 -10.19
N GLN F 13 47.49 -1.89 -9.91
CA GLN F 13 47.20 -1.46 -8.55
C GLN F 13 45.76 -1.79 -8.19
N LYS F 14 45.48 -1.80 -6.89
CA LYS F 14 44.16 -2.09 -6.31
C LYS F 14 43.75 -0.89 -5.49
N ILE F 15 42.72 -0.17 -5.92
CA ILE F 15 42.32 1.05 -5.21
C ILE F 15 41.10 0.83 -4.33
N THR F 16 41.27 0.96 -3.01
CA THR F 16 40.21 0.78 -2.06
C THR F 16 39.23 1.93 -2.23
N LEU F 17 37.97 1.58 -2.44
CA LEU F 17 36.93 2.57 -2.70
C LEU F 17 36.28 2.93 -1.36
N SER F 18 35.80 4.16 -1.26
CA SER F 18 35.04 4.61 -0.12
C SER F 18 33.62 4.11 -0.25
N SER F 19 33.10 3.65 0.89
CA SER F 19 31.77 3.08 0.97
C SER F 19 30.64 4.06 0.71
N SER F 20 30.93 5.36 0.69
CA SER F 20 29.91 6.35 0.40
C SER F 20 29.92 6.74 -1.09
N SER F 21 30.85 6.16 -1.87
CA SER F 21 30.96 6.47 -3.29
C SER F 21 29.96 5.67 -4.13
N GLU F 22 29.48 6.29 -5.21
CA GLU F 22 28.56 5.61 -6.10
C GLU F 22 29.14 4.31 -6.64
N GLU F 23 30.44 4.34 -6.95
CA GLU F 23 31.14 3.19 -7.50
C GLU F 23 31.11 2.00 -6.55
N TYR F 24 31.39 2.26 -5.27
CA TYR F 24 31.29 1.20 -4.26
C TYR F 24 29.89 0.63 -4.17
N GLN F 25 28.91 1.52 -4.10
CA GLN F 25 27.49 1.17 -3.88
C GLN F 25 26.86 0.39 -5.02
N LYS F 26 27.38 0.55 -6.25
CA LYS F 26 26.92 -0.24 -7.38
C LYS F 26 27.34 -1.67 -7.26
N VAL F 27 28.62 -1.87 -6.96
CA VAL F 27 29.15 -3.20 -6.74
C VAL F 27 28.48 -3.86 -5.51
N TRP F 28 28.38 -3.11 -4.40
CA TRP F 28 27.73 -3.59 -3.16
C TRP F 28 26.31 -4.03 -3.41
N ASN F 29 25.55 -3.23 -4.14
CA ASN F 29 24.16 -3.56 -4.43
C ASN F 29 24.01 -4.88 -5.20
N LEU F 30 24.88 -5.11 -6.18
CA LEU F 30 24.82 -6.35 -6.99
C LEU F 30 25.15 -7.57 -6.12
N PHE F 31 26.16 -7.43 -5.25
CA PHE F 31 26.56 -8.48 -4.29
C PHE F 31 25.45 -8.76 -3.29
N ASN F 32 24.92 -7.69 -2.72
CA ASN F 32 23.87 -7.75 -1.72
C ASN F 32 22.59 -8.42 -2.17
N ARG F 33 22.30 -8.29 -3.47
CA ARG F 33 21.09 -8.87 -4.06
C ARG F 33 20.88 -10.31 -3.73
N THR F 34 21.95 -11.11 -3.74
CA THR F 34 21.82 -12.56 -3.48
C THR F 34 22.62 -13.04 -2.25
N LEU F 35 23.38 -12.15 -1.61
CA LEU F 35 24.08 -12.44 -0.35
C LEU F 35 23.82 -11.31 0.65
N PRO F 36 22.56 -11.14 1.05
CA PRO F 36 22.22 -9.99 1.88
C PRO F 36 22.61 -10.10 3.37
N PHE F 37 23.17 -11.24 3.79
CA PHE F 37 23.53 -11.45 5.19
C PHE F 37 25.03 -11.56 5.35
N TYR F 38 25.81 -11.16 4.36
CA TYR F 38 27.23 -11.09 4.55
C TYR F 38 27.63 -9.62 4.55
N PHE F 39 28.66 -9.32 5.32
CA PHE F 39 29.13 -7.96 5.50
C PHE F 39 30.33 -7.75 4.56
N VAL F 40 30.24 -6.73 3.71
CA VAL F 40 31.34 -6.36 2.82
C VAL F 40 32.29 -5.50 3.65
N GLN F 41 33.52 -5.99 3.80
CA GLN F 41 34.59 -5.29 4.51
C GLN F 41 35.43 -4.37 3.62
N LYS F 42 35.58 -4.72 2.34
CA LYS F 42 36.15 -3.76 1.37
C LYS F 42 35.89 -4.12 -0.09
N ILE F 43 35.97 -3.10 -0.93
CA ILE F 43 35.83 -3.28 -2.36
C ILE F 43 36.96 -2.48 -2.99
N GLU F 44 37.73 -3.16 -3.82
CA GLU F 44 38.86 -2.54 -4.48
C GLU F 44 38.62 -2.50 -5.97
N ARG F 45 38.94 -1.37 -6.58
CA ARG F 45 39.00 -1.27 -8.05
C ARG F 45 40.37 -1.69 -8.55
N VAL F 46 40.41 -2.67 -9.43
CA VAL F 46 41.64 -3.12 -10.05
C VAL F 46 41.94 -2.30 -11.31
N GLN F 47 43.14 -1.71 -11.33
CA GLN F 47 43.71 -0.96 -12.46
C GLN F 47 44.89 -1.69 -13.03
N ASN F 48 44.65 -2.37 -14.15
CA ASN F 48 45.70 -3.00 -14.89
C ASN F 48 45.57 -2.51 -16.33
N LEU F 49 46.43 -1.59 -16.74
CA LEU F 49 46.32 -0.99 -18.08
C LEU F 49 46.52 -2.00 -19.22
N ALA F 50 47.52 -2.87 -19.10
CA ALA F 50 47.72 -3.94 -20.07
C ALA F 50 46.45 -4.77 -20.31
N LEU F 51 45.80 -5.23 -19.24
CA LEU F 51 44.66 -6.12 -19.38
C LEU F 51 43.39 -5.40 -19.86
N TRP F 52 43.26 -4.14 -19.51
CA TRP F 52 42.19 -3.26 -20.01
C TRP F 52 42.32 -2.96 -21.52
N GLU F 53 43.55 -2.75 -21.98
CA GLU F 53 43.77 -2.49 -23.41
C GLU F 53 43.39 -3.65 -24.33
N VAL F 54 43.74 -4.88 -23.97
CA VAL F 54 43.38 -6.04 -24.80
C VAL F 54 41.93 -6.42 -24.63
N TYR F 55 41.32 -6.02 -23.50
CA TYR F 55 39.90 -6.21 -23.29
C TYR F 55 39.12 -5.29 -24.24
N GLN F 56 39.41 -3.99 -24.16
CA GLN F 56 38.80 -2.98 -25.04
C GLN F 56 39.07 -3.25 -26.52
N TRP F 57 40.24 -3.80 -26.82
CA TRP F 57 40.58 -4.23 -28.18
C TRP F 57 39.74 -5.42 -28.64
N GLN F 58 39.55 -6.41 -27.79
CA GLN F 58 38.71 -7.55 -28.14
C GLN F 58 37.24 -7.12 -28.33
N LYS F 59 36.75 -6.22 -27.49
CA LYS F 59 35.39 -5.67 -27.65
C LYS F 59 35.15 -5.09 -29.07
N GLY F 60 36.10 -4.26 -29.54
CA GLY F 60 36.07 -3.67 -30.88
C GLY F 60 36.06 -4.73 -31.98
N GLN F 61 36.93 -5.72 -31.86
CA GLN F 61 36.95 -6.83 -32.80
C GLN F 61 35.61 -7.53 -32.89
N GLN F 63 32.68 -6.07 -32.05
CA GLN F 63 31.75 -5.08 -32.58
C GLN F 63 31.76 -5.06 -34.12
N LYS F 64 32.96 -5.12 -34.68
CA LYS F 64 33.17 -5.21 -36.14
C LYS F 64 32.53 -6.46 -36.73
N GLN F 65 32.86 -7.61 -36.15
CA GLN F 65 32.32 -8.88 -36.59
C GLN F 65 30.82 -9.05 -36.30
N ASN F 66 30.26 -8.22 -35.42
CA ASN F 66 28.83 -8.27 -35.09
C ASN F 66 27.97 -7.43 -36.02
N GLY F 67 28.61 -6.62 -36.86
CA GLY F 67 27.93 -5.83 -37.89
C GLY F 67 27.72 -4.40 -37.47
N GLY F 68 28.63 -3.88 -36.65
CA GLY F 68 28.41 -2.62 -35.96
C GLY F 68 27.70 -2.72 -34.60
N LYS F 69 26.92 -3.79 -34.40
CA LYS F 69 25.98 -3.91 -33.29
C LYS F 69 26.65 -4.11 -31.93
N ALA F 70 25.94 -3.76 -30.87
CA ALA F 70 26.49 -3.75 -29.52
C ALA F 70 26.75 -5.16 -29.01
N VAL F 71 27.91 -5.34 -28.38
CA VAL F 71 28.31 -6.65 -27.89
C VAL F 71 27.70 -6.84 -26.46
N ASP F 72 27.07 -8.00 -26.22
CA ASP F 72 26.55 -8.38 -24.88
C ASP F 72 27.73 -8.43 -23.91
N GLU F 73 27.70 -7.51 -22.94
CA GLU F 73 28.74 -7.29 -21.95
C GLU F 73 28.07 -7.30 -20.55
N ARG F 74 28.56 -8.13 -19.62
CA ARG F 74 27.90 -8.29 -18.32
C ARG F 74 28.90 -8.22 -17.19
N GLN F 75 28.42 -7.81 -16.02
CA GLN F 75 29.24 -7.84 -14.80
C GLN F 75 28.90 -9.14 -14.07
N LEU F 76 29.91 -9.99 -13.92
CA LEU F 76 29.67 -11.34 -13.40
C LEU F 76 30.67 -11.73 -12.29
N PHE F 77 30.21 -12.59 -11.40
CA PHE F 77 30.99 -12.91 -10.20
C PHE F 77 31.93 -14.05 -10.43
N HIS F 78 33.07 -13.99 -9.75
CA HIS F 78 34.02 -15.08 -9.76
C HIS F 78 34.68 -15.25 -8.36
N GLY F 79 34.25 -16.28 -7.64
CA GLY F 79 34.79 -16.61 -6.32
C GLY F 79 36.12 -17.30 -6.51
N THR F 80 37.09 -16.96 -5.68
CA THR F 80 38.37 -17.67 -5.68
C THR F 80 38.97 -17.58 -4.27
N SER F 81 40.12 -18.23 -4.06
CA SER F 81 40.86 -18.15 -2.81
C SER F 81 41.77 -16.93 -2.86
N ALA F 82 42.15 -16.45 -1.68
CA ALA F 82 42.91 -15.22 -1.52
C ALA F 82 44.32 -15.26 -2.12
N ILE F 83 44.88 -16.45 -2.18
CA ILE F 83 46.22 -16.63 -2.75
C ILE F 83 46.30 -16.33 -4.25
N PHE F 84 45.15 -16.39 -4.93
CA PHE F 84 45.07 -16.12 -6.36
C PHE F 84 44.75 -14.66 -6.71
N VAL F 85 44.44 -13.84 -5.70
CA VAL F 85 43.89 -12.51 -5.98
C VAL F 85 44.87 -11.65 -6.78
N ASP F 86 46.10 -11.51 -6.28
CA ASP F 86 47.11 -10.68 -6.95
C ASP F 86 47.56 -11.27 -8.31
N ALA F 87 47.48 -12.58 -8.46
CA ALA F 87 47.76 -13.26 -9.73
C ALA F 87 46.75 -12.91 -10.82
N ILE F 88 45.49 -12.86 -10.43
CA ILE F 88 44.38 -12.51 -11.32
C ILE F 88 44.43 -11.03 -11.72
N CYS F 89 44.76 -10.14 -10.78
CA CYS F 89 44.88 -8.73 -11.06
C CYS F 89 45.95 -8.41 -12.10
N GLN F 90 47.03 -9.20 -12.10
CA GLN F 90 48.14 -9.04 -13.01
C GLN F 90 47.97 -9.78 -14.34
N GLN F 91 47.47 -11.02 -14.28
CA GLN F 91 47.44 -11.91 -15.44
C GLN F 91 46.03 -12.35 -15.86
N ASN F 92 45.01 -11.93 -15.13
CA ASN F 92 43.62 -12.32 -15.43
C ASN F 92 43.38 -13.77 -14.99
N PHE F 93 42.12 -14.16 -15.04
CA PHE F 93 41.70 -15.51 -14.69
C PHE F 93 42.29 -16.49 -15.68
N ASP F 94 42.61 -17.68 -15.18
CA ASP F 94 43.19 -18.74 -15.97
C ASP F 94 42.73 -20.03 -15.34
N TRP F 95 41.85 -20.74 -16.06
CA TRP F 95 41.33 -22.03 -15.61
C TRP F 95 42.38 -23.14 -15.60
N ARG F 96 43.52 -22.94 -16.24
CA ARG F 96 44.51 -23.98 -16.35
C ARG F 96 45.31 -24.24 -15.06
N VAL F 97 45.40 -23.22 -14.20
CA VAL F 97 46.05 -23.33 -12.90
C VAL F 97 45.62 -24.60 -12.17
N CYS F 98 44.32 -24.78 -11.94
CA CYS F 98 43.80 -26.00 -11.30
C CYS F 98 43.16 -26.99 -12.28
N GLY F 99 42.80 -26.53 -13.47
CA GLY F 99 42.02 -27.32 -14.44
C GLY F 99 40.54 -27.17 -14.15
N VAL F 100 39.71 -27.95 -14.84
CA VAL F 100 38.25 -27.92 -14.62
C VAL F 100 37.78 -29.34 -14.27
N HIS F 101 37.08 -29.45 -13.15
CA HIS F 101 36.88 -30.75 -12.51
C HIS F 101 35.50 -30.82 -11.88
N SER F 104 30.43 -29.37 -15.62
CA SER F 104 31.13 -28.59 -16.63
C SER F 104 30.22 -28.27 -17.85
N TYR F 105 30.36 -27.03 -18.32
CA TYR F 105 29.79 -26.58 -19.57
C TYR F 105 30.93 -26.21 -20.51
N GLY F 106 32.11 -26.81 -20.29
CA GLY F 106 33.29 -26.63 -21.13
C GLY F 106 34.55 -26.29 -20.36
N LYS F 107 35.70 -26.36 -21.03
CA LYS F 107 36.99 -26.02 -20.45
C LYS F 107 37.34 -24.55 -20.60
N GLY F 108 36.74 -23.72 -19.77
CA GLY F 108 37.11 -22.32 -19.67
C GLY F 108 36.88 -21.82 -18.24
N SER F 109 37.14 -20.54 -18.01
CA SER F 109 36.83 -19.86 -16.73
C SER F 109 35.33 -19.59 -16.55
N TYR F 110 34.86 -19.67 -15.30
CA TYR F 110 33.46 -19.66 -14.95
C TYR F 110 33.10 -18.40 -14.21
N PHE F 111 31.88 -17.92 -14.46
CA PHE F 111 31.42 -16.64 -13.99
C PHE F 111 30.00 -16.83 -13.72
N ALA F 112 29.50 -16.09 -12.73
CA ALA F 112 28.18 -16.29 -12.24
C ALA F 112 27.42 -14.99 -12.27
N ARG F 113 26.17 -15.06 -12.68
CA ARG F 113 25.26 -13.92 -12.51
C ARG F 113 25.12 -13.52 -11.04
N ASP F 114 24.92 -14.52 -10.19
CA ASP F 114 24.65 -14.31 -8.75
C ASP F 114 25.87 -14.54 -7.87
N ALA F 115 26.22 -13.51 -7.11
CA ALA F 115 27.23 -13.59 -6.03
C ALA F 115 27.02 -14.81 -5.12
N ALA F 116 25.78 -15.21 -4.87
CA ALA F 116 25.50 -16.35 -3.99
C ALA F 116 26.01 -17.67 -4.53
N TYR F 117 26.09 -17.78 -5.85
CA TYR F 117 26.56 -18.99 -6.48
C TYR F 117 28.09 -19.10 -6.43
N SER F 118 28.77 -17.99 -6.65
CA SER F 118 30.22 -17.88 -6.55
C SER F 118 30.80 -18.06 -5.11
N HIS F 119 29.98 -17.77 -4.10
CA HIS F 119 30.39 -17.95 -2.69
C HIS F 119 31.01 -19.32 -2.41
N HIS F 120 30.37 -20.36 -2.92
CA HIS F 120 30.90 -21.72 -2.86
C HIS F 120 32.32 -21.88 -3.35
N TYR F 121 32.75 -21.00 -4.26
CA TYR F 121 34.07 -21.08 -4.88
C TYR F 121 35.05 -20.14 -4.22
N SER F 122 34.57 -19.28 -3.32
CA SER F 122 35.43 -18.47 -2.49
C SER F 122 35.89 -19.29 -1.26
N LYS F 123 36.82 -20.20 -1.50
CA LYS F 123 37.31 -21.09 -0.44
C LYS F 123 38.11 -20.30 0.60
N SER F 124 37.83 -20.57 1.87
CA SER F 124 38.56 -19.97 3.00
C SER F 124 38.63 -20.93 4.18
N ASP F 125 39.71 -20.84 4.97
CA ASP F 125 39.80 -21.52 6.28
C ASP F 125 39.05 -20.69 7.30
N THR F 126 39.18 -19.36 7.16
CA THR F 126 38.56 -18.40 8.05
C THR F 126 37.16 -18.03 7.55
N GLN F 127 36.56 -17.04 8.19
CA GLN F 127 35.24 -16.54 7.81
C GLN F 127 35.28 -15.34 6.86
N THR F 128 36.47 -14.84 6.52
CA THR F 128 36.56 -13.75 5.56
C THR F 128 36.91 -14.34 4.18
N HIS F 129 36.13 -13.94 3.18
CA HIS F 129 36.20 -14.49 1.82
C HIS F 129 36.53 -13.39 0.79
N THR F 130 36.90 -13.84 -0.41
CA THR F 130 37.20 -12.93 -1.51
C THR F 130 36.51 -13.44 -2.81
N PHE F 132 35.63 -11.82 -7.09
CA PHE F 132 35.72 -10.75 -8.08
C PHE F 132 34.35 -10.42 -8.64
N LEU F 133 34.09 -9.16 -8.92
CA LEU F 133 33.08 -8.77 -9.91
C LEU F 133 33.85 -8.45 -11.22
N ALA F 134 33.71 -9.31 -12.23
CA ALA F 134 34.44 -9.16 -13.51
C ALA F 134 33.53 -8.48 -14.52
N ARG F 135 34.13 -7.77 -15.46
CA ARG F 135 33.47 -7.31 -16.69
C ARG F 135 33.75 -8.35 -17.79
N VAL F 136 32.71 -8.89 -18.39
CA VAL F 136 32.88 -10.02 -19.29
C VAL F 136 32.11 -9.75 -20.60
N LEU F 137 32.79 -9.90 -21.72
CA LEU F 137 32.13 -9.85 -23.04
C LEU F 137 31.64 -11.26 -23.33
N VAL F 138 30.38 -11.48 -23.01
CA VAL F 138 29.77 -12.75 -23.21
C VAL F 138 29.35 -12.92 -24.70
N GLY F 139 29.04 -11.81 -25.37
CA GLY F 139 28.60 -11.84 -26.77
C GLY F 139 27.41 -12.74 -26.98
N GLU F 140 27.52 -13.61 -27.98
CA GLU F 140 26.46 -14.51 -28.35
C GLU F 140 26.76 -15.86 -27.81
N PHE F 141 25.81 -16.47 -27.12
CA PHE F 141 26.13 -17.68 -26.39
C PHE F 141 25.18 -18.79 -26.77
N VAL F 142 25.58 -20.00 -26.41
CA VAL F 142 24.86 -21.21 -26.70
C VAL F 142 25.13 -22.08 -25.49
N ARG F 143 24.29 -23.08 -25.24
CA ARG F 143 24.47 -23.98 -24.09
C ARG F 143 25.76 -24.79 -24.17
N GLY F 144 26.46 -24.85 -23.03
CA GLY F 144 27.73 -25.56 -22.93
C GLY F 144 27.66 -27.07 -22.80
N ASN F 145 28.83 -27.70 -22.82
CA ASN F 145 28.99 -29.16 -22.85
C ASN F 145 30.36 -29.46 -22.23
N ALA F 146 30.45 -30.51 -21.40
CA ALA F 146 31.71 -30.88 -20.74
C ALA F 146 32.96 -31.04 -21.66
N SER F 147 32.74 -31.45 -22.90
CA SER F 147 33.80 -31.72 -23.89
C SER F 147 34.36 -30.48 -24.61
N PHE F 148 33.58 -29.40 -24.62
CA PHE F 148 33.95 -28.20 -25.33
C PHE F 148 35.26 -27.58 -24.81
N VAL F 149 36.17 -27.26 -25.74
CA VAL F 149 37.37 -26.46 -25.46
C VAL F 149 37.28 -25.04 -26.06
N ARG F 150 36.22 -24.81 -26.85
CA ARG F 150 35.84 -23.50 -27.36
C ARG F 150 34.33 -23.51 -27.47
N PRO F 151 33.73 -22.33 -27.71
CA PRO F 151 32.33 -22.34 -28.13
C PRO F 151 32.15 -22.97 -29.53
N PRO F 152 31.00 -23.63 -29.76
CA PRO F 152 30.69 -24.19 -31.08
C PRO F 152 30.65 -23.18 -32.22
N ALA F 153 30.86 -23.69 -33.43
CA ALA F 153 30.68 -22.92 -34.65
C ALA F 153 29.21 -22.53 -34.80
N LYS F 154 28.94 -21.30 -35.22
CA LYS F 154 27.61 -20.90 -35.64
C LYS F 154 27.31 -21.56 -37.00
N GLU F 155 26.03 -21.87 -37.22
CA GLU F 155 25.57 -22.40 -38.51
C GLU F 155 25.87 -21.36 -39.62
N GLY F 156 26.45 -21.80 -40.72
CA GLY F 156 26.65 -20.93 -41.89
C GLY F 156 27.97 -21.19 -42.59
N TRP F 157 28.44 -20.21 -43.35
CA TRP F 157 29.60 -20.38 -44.23
C TRP F 157 30.82 -19.56 -43.80
N SER F 158 30.63 -18.56 -42.95
CA SER F 158 31.67 -17.57 -42.68
C SER F 158 32.67 -18.01 -41.59
N ASN F 159 32.54 -19.25 -41.12
CA ASN F 159 33.43 -19.83 -40.10
C ASN F 159 33.44 -19.04 -38.80
N ALA F 160 32.27 -18.56 -38.40
CA ALA F 160 32.12 -17.81 -37.17
C ALA F 160 31.90 -18.76 -36.01
N PHE F 161 32.11 -18.23 -34.81
CA PHE F 161 31.90 -18.97 -33.59
C PHE F 161 31.11 -18.15 -32.64
N TYR F 162 30.39 -18.84 -31.78
CA TYR F 162 29.79 -18.20 -30.61
C TYR F 162 30.93 -17.66 -29.77
N ASP F 163 30.58 -16.75 -28.85
CA ASP F 163 31.58 -16.08 -28.00
C ASP F 163 31.74 -16.65 -26.59
N SER F 164 30.79 -17.49 -26.16
CA SER F 164 30.78 -18.01 -24.79
C SER F 164 29.75 -19.10 -24.71
N CYS F 165 29.87 -19.94 -23.68
CA CYS F 165 28.88 -20.98 -23.40
C CYS F 165 28.15 -20.69 -22.09
N VAL F 166 27.09 -21.45 -21.85
CA VAL F 166 26.18 -21.09 -20.79
C VAL F 166 25.41 -22.35 -20.33
N ASN F 167 24.84 -22.29 -19.14
CA ASN F 167 24.03 -23.40 -18.63
C ASN F 167 22.62 -23.41 -19.24
N SER F 168 22.09 -22.24 -19.59
CA SER F 168 20.75 -22.10 -20.15
C SER F 168 20.72 -20.84 -21.02
N VAL F 169 20.25 -20.94 -22.26
CA VAL F 169 20.18 -19.75 -23.13
C VAL F 169 19.02 -18.87 -22.71
N SER F 170 17.90 -19.47 -22.31
CA SER F 170 16.72 -18.69 -21.90
C SER F 170 16.90 -17.89 -20.61
N ASP F 171 17.57 -18.46 -19.62
CA ASP F 171 17.87 -17.75 -18.36
C ASP F 171 19.26 -18.18 -17.89
N PRO F 172 20.33 -17.52 -18.38
CA PRO F 172 21.71 -17.91 -18.09
C PRO F 172 22.21 -17.39 -16.74
N SER F 173 22.71 -18.28 -15.88
CA SER F 173 23.23 -17.89 -14.58
C SER F 173 24.69 -18.25 -14.43
N ILE F 174 25.18 -19.11 -15.33
CA ILE F 174 26.59 -19.51 -15.37
C ILE F 174 27.10 -19.28 -16.80
N PHE F 175 28.19 -18.53 -16.92
CA PHE F 175 28.89 -18.30 -18.18
C PHE F 175 30.28 -18.91 -18.16
N VAL F 176 30.62 -19.60 -19.25
CA VAL F 176 31.97 -20.13 -19.49
C VAL F 176 32.64 -19.34 -20.62
N ILE F 177 33.85 -18.85 -20.36
CA ILE F 177 34.62 -18.02 -21.29
C ILE F 177 35.91 -18.78 -21.59
N PHE F 178 36.21 -18.95 -22.90
CA PHE F 178 37.40 -19.66 -23.38
C PHE F 178 38.53 -18.76 -23.84
N GLU F 179 38.24 -17.47 -23.95
CA GLU F 179 39.19 -16.49 -24.41
C GLU F 179 39.43 -15.52 -23.28
N LYS F 180 40.63 -15.51 -22.76
CA LYS F 180 41.07 -14.61 -21.71
C LYS F 180 40.78 -13.14 -21.95
N HIS F 181 41.01 -12.68 -23.17
CA HIS F 181 40.80 -11.27 -23.52
C HIS F 181 39.34 -10.83 -23.50
N GLN F 182 38.40 -11.76 -23.35
CA GLN F 182 36.99 -11.40 -23.11
C GLN F 182 36.60 -11.02 -21.66
N VAL F 183 37.56 -11.03 -20.73
CA VAL F 183 37.31 -10.72 -19.30
C VAL F 183 38.28 -9.67 -18.79
N TYR F 184 37.75 -8.76 -17.98
CA TYR F 184 38.57 -7.82 -17.24
C TYR F 184 38.22 -7.97 -15.74
N PRO F 185 39.21 -8.31 -14.89
CA PRO F 185 38.97 -8.51 -13.46
C PRO F 185 38.79 -7.22 -12.68
N GLU F 186 37.60 -6.67 -12.73
CA GLU F 186 37.39 -5.26 -12.38
C GLU F 186 37.36 -4.87 -10.90
N TYR F 187 36.70 -5.68 -10.06
CA TYR F 187 36.60 -5.38 -8.63
C TYR F 187 36.95 -6.59 -7.79
N VAL F 188 37.65 -6.37 -6.69
CA VAL F 188 37.87 -7.36 -5.62
C VAL F 188 37.00 -7.01 -4.43
N ILE F 189 36.12 -7.95 -4.06
CA ILE F 189 35.20 -7.78 -2.89
C ILE F 189 35.68 -8.68 -1.76
N GLN F 190 36.09 -8.08 -0.65
CA GLN F 190 36.41 -8.82 0.55
C GLN F 190 35.21 -8.76 1.51
N TYR F 191 34.75 -9.92 1.96
CA TYR F 191 33.56 -9.97 2.80
C TYR F 191 33.67 -11.01 3.94
N THR F 192 32.82 -10.86 4.94
CA THR F 192 32.77 -11.81 6.03
C THR F 192 31.40 -12.41 6.22
N THR F 193 31.42 -13.66 6.63
CA THR F 193 30.25 -14.45 6.90
C THR F 193 29.80 -14.34 8.37
N SER F 194 30.49 -13.52 9.18
CA SER F 194 30.13 -13.38 10.59
C SER F 194 29.36 -12.09 10.88
#